data_1MXF
#
_entry.id   1MXF
#
_cell.length_a   74.790
_cell.length_b   74.790
_cell.length_c   180.990
_cell.angle_alpha   90.00
_cell.angle_beta   90.00
_cell.angle_gamma   120.00
#
_symmetry.space_group_name_H-M   'P 31'
#
loop_
_entity.id
_entity.type
_entity.pdbx_description
1 polymer 'PTERIDINE REDUCTASE 2'
2 non-polymer 'NADPH DIHYDRO-NICOTINAMIDE-ADENINE-DINUCLEOTIDE PHOSPHATE'
3 non-polymer METHOTREXATE
4 water water
#
_entity_poly.entity_id   1
_entity_poly.type   'polypeptide(L)'
_entity_poly.pdbx_seq_one_letter_code
;MNETSHEASECPAAVITGGARRIGHSIAVRLHQQGFRVVVHYRHSEGAAQRLVAELNAARAGSAVLCKGDLSLSSSLLDC
CEDIIDCSFRAFGRCDVLVNNASAYYPTPLLPGDDTNGAADAKPIDAQVAELFGSNAVAPLFLIRAFARRQGEGGAWRSR
NLSVVNLCDA(MSE)TDLPLPGFCVYT(MSE)AKHALGGLTRAAALELAPRHIRVNAVAPGLSLLPPA(MSE)PQETQEE
YRRKVPLGQSEASAAQIADAIAFLVSKDAGYITGTTLKVDGGLILARA
;
_entity_poly.pdbx_strand_id   A,B,C,D
#
loop_
_chem_comp.id
_chem_comp.type
_chem_comp.name
_chem_comp.formula
MTX non-polymer METHOTREXATE 'C20 H22 N8 O5'
NDP non-polymer 'NADPH DIHYDRO-NICOTINAMIDE-ADENINE-DINUCLEOTIDE PHOSPHATE' 'C21 H30 N7 O17 P3'
#
# COMPACT_ATOMS: atom_id res chain seq x y z
N CYS A 11 -28.43 -3.76 -27.04
CA CYS A 11 -28.36 -3.96 -25.55
C CYS A 11 -27.20 -4.82 -25.09
N PRO A 12 -26.48 -4.36 -24.07
CA PRO A 12 -25.33 -5.07 -23.51
C PRO A 12 -25.72 -6.23 -22.58
N ALA A 13 -24.83 -7.21 -22.49
CA ALA A 13 -25.06 -8.36 -21.64
C ALA A 13 -24.02 -8.42 -20.52
N ALA A 14 -24.48 -8.80 -19.33
CA ALA A 14 -23.60 -8.88 -18.18
C ALA A 14 -23.73 -10.23 -17.46
N VAL A 15 -22.59 -10.83 -17.16
CA VAL A 15 -22.56 -12.10 -16.43
C VAL A 15 -22.28 -11.81 -14.96
N ILE A 16 -23.09 -12.34 -14.06
CA ILE A 16 -22.89 -12.13 -12.64
C ILE A 16 -22.75 -13.48 -11.92
N THR A 17 -21.53 -13.83 -11.51
CA THR A 17 -21.35 -15.09 -10.80
C THR A 17 -21.85 -14.95 -9.38
N GLY A 18 -22.45 -16.00 -8.84
CA GLY A 18 -22.98 -15.97 -7.49
C GLY A 18 -24.07 -14.92 -7.36
N GLY A 19 -24.77 -14.65 -8.45
CA GLY A 19 -25.78 -13.62 -8.44
C GLY A 19 -27.21 -13.95 -8.07
N ALA A 20 -27.44 -15.11 -7.46
CA ALA A 20 -28.78 -15.51 -7.09
C ALA A 20 -29.31 -14.82 -5.83
N ARG A 21 -28.42 -14.50 -4.89
CA ARG A 21 -28.82 -13.85 -3.64
C ARG A 21 -27.86 -12.77 -3.16
N ARG A 22 -28.23 -12.13 -2.06
CA ARG A 22 -27.42 -11.09 -1.42
C ARG A 22 -26.81 -10.07 -2.39
N ILE A 23 -25.55 -9.73 -2.19
CA ILE A 23 -24.87 -8.75 -3.03
C ILE A 23 -25.00 -9.04 -4.52
N GLY A 24 -24.77 -10.29 -4.90
CA GLY A 24 -24.87 -10.67 -6.31
C GLY A 24 -26.25 -10.41 -6.90
N HIS A 25 -27.29 -10.65 -6.11
CA HIS A 25 -28.67 -10.44 -6.52
C HIS A 25 -28.87 -8.96 -6.79
N SER A 26 -28.45 -8.16 -5.82
CA SER A 26 -28.55 -6.72 -5.89
C SER A 26 -27.86 -6.18 -7.13
N ILE A 27 -26.72 -6.76 -7.47
CA ILE A 27 -25.98 -6.34 -8.65
C ILE A 27 -26.74 -6.66 -9.94
N ALA A 28 -27.25 -7.89 -10.04
CA ALA A 28 -27.99 -8.32 -11.24
C ALA A 28 -29.18 -7.40 -11.49
N VAL A 29 -29.96 -7.14 -10.43
CA VAL A 29 -31.11 -6.27 -10.54
C VAL A 29 -30.68 -4.88 -11.03
N ARG A 30 -29.75 -4.26 -10.33
CA ARG A 30 -29.27 -2.93 -10.69
C ARG A 30 -28.90 -2.86 -12.16
N LEU A 31 -28.00 -3.74 -12.59
CA LEU A 31 -27.58 -3.77 -13.99
C LEU A 31 -28.76 -4.00 -14.92
N HIS A 32 -29.73 -4.79 -14.47
CA HIS A 32 -30.90 -5.07 -15.28
C HIS A 32 -31.74 -3.81 -15.40
N GLN A 33 -31.88 -3.09 -14.28
CA GLN A 33 -32.65 -1.85 -14.26
C GLN A 33 -32.02 -0.78 -15.14
N GLN A 34 -30.79 -1.01 -15.60
CA GLN A 34 -30.10 -0.05 -16.44
C GLN A 34 -30.11 -0.50 -17.88
N GLY A 35 -30.91 -1.51 -18.19
CA GLY A 35 -31.01 -1.97 -19.55
C GLY A 35 -30.07 -3.10 -19.93
N PHE A 36 -29.51 -3.73 -18.92
CA PHE A 36 -28.60 -4.84 -19.14
C PHE A 36 -29.33 -6.19 -19.19
N ARG A 37 -28.85 -7.06 -20.06
CA ARG A 37 -29.36 -8.43 -20.15
C ARG A 37 -28.37 -9.25 -19.33
N VAL A 38 -28.85 -9.91 -18.28
CA VAL A 38 -27.97 -10.63 -17.37
C VAL A 38 -28.04 -12.15 -17.38
N VAL A 39 -26.86 -12.74 -17.22
CA VAL A 39 -26.70 -14.19 -17.12
C VAL A 39 -26.46 -14.40 -15.64
N VAL A 40 -27.45 -14.97 -14.96
CA VAL A 40 -27.37 -15.21 -13.53
C VAL A 40 -26.81 -16.59 -13.21
N HIS A 41 -25.55 -16.62 -12.76
CA HIS A 41 -24.91 -17.86 -12.41
C HIS A 41 -25.13 -18.19 -10.94
N TYR A 42 -25.18 -19.48 -10.63
CA TYR A 42 -25.36 -19.91 -9.25
C TYR A 42 -24.77 -21.30 -9.08
N ARG A 43 -24.78 -21.81 -7.86
CA ARG A 43 -24.26 -23.14 -7.60
C ARG A 43 -25.34 -23.99 -6.93
N HIS A 44 -25.78 -23.57 -5.75
CA HIS A 44 -26.83 -24.29 -5.03
C HIS A 44 -28.11 -23.49 -4.83
N SER A 45 -28.05 -22.16 -4.93
CA SER A 45 -29.26 -21.35 -4.74
C SER A 45 -30.20 -21.42 -5.93
N GLU A 46 -30.42 -22.63 -6.44
CA GLU A 46 -31.26 -22.88 -7.60
C GLU A 46 -32.64 -22.23 -7.55
N GLY A 47 -33.27 -22.25 -6.37
CA GLY A 47 -34.59 -21.66 -6.23
C GLY A 47 -34.57 -20.16 -6.39
N ALA A 48 -33.69 -19.49 -5.66
CA ALA A 48 -33.57 -18.03 -5.74
C ALA A 48 -33.21 -17.60 -7.16
N ALA A 49 -32.37 -18.40 -7.83
CA ALA A 49 -31.94 -18.08 -9.19
C ALA A 49 -33.11 -18.05 -10.16
N GLN A 50 -34.02 -19.02 -10.01
CA GLN A 50 -35.18 -19.10 -10.87
C GLN A 50 -36.21 -18.01 -10.59
N ARG A 51 -36.37 -17.63 -9.33
CA ARG A 51 -37.31 -16.57 -8.99
C ARG A 51 -36.77 -15.22 -9.45
N LEU A 52 -35.46 -15.08 -9.48
CA LEU A 52 -34.83 -13.84 -9.93
C LEU A 52 -34.95 -13.71 -11.44
N VAL A 53 -34.61 -14.79 -12.15
CA VAL A 53 -34.67 -14.78 -13.60
C VAL A 53 -36.08 -14.64 -14.17
N ALA A 54 -37.06 -15.29 -13.57
CA ALA A 54 -38.44 -15.18 -14.03
C ALA A 54 -38.85 -13.74 -13.77
N GLU A 55 -38.59 -13.28 -12.56
CA GLU A 55 -38.91 -11.93 -12.13
C GLU A 55 -38.36 -10.88 -13.10
N LEU A 56 -37.13 -11.10 -13.57
CA LEU A 56 -36.51 -10.17 -14.51
C LEU A 56 -37.11 -10.34 -15.89
N ASN A 57 -37.42 -11.57 -16.27
CA ASN A 57 -38.00 -11.81 -17.59
C ASN A 57 -39.43 -11.28 -17.64
N ALA A 58 -40.07 -11.18 -16.49
CA ALA A 58 -41.42 -10.66 -16.42
C ALA A 58 -41.34 -9.18 -16.76
N ALA A 59 -40.28 -8.52 -16.27
CA ALA A 59 -40.06 -7.11 -16.50
C ALA A 59 -39.66 -6.84 -17.94
N ARG A 60 -38.93 -7.80 -18.53
CA ARG A 60 -38.47 -7.71 -19.91
C ARG A 60 -38.22 -9.11 -20.42
N ALA A 61 -39.09 -9.58 -21.31
CA ALA A 61 -38.97 -10.92 -21.86
C ALA A 61 -37.58 -11.13 -22.49
N GLY A 62 -37.03 -12.32 -22.31
CA GLY A 62 -35.72 -12.65 -22.87
C GLY A 62 -34.55 -11.81 -22.41
N SER A 63 -34.67 -11.22 -21.21
CA SER A 63 -33.61 -10.37 -20.67
C SER A 63 -32.69 -11.07 -19.66
N ALA A 64 -33.16 -12.17 -19.09
CA ALA A 64 -32.37 -12.88 -18.10
C ALA A 64 -32.37 -14.40 -18.31
N VAL A 65 -31.19 -15.00 -18.20
CA VAL A 65 -31.04 -16.44 -18.35
C VAL A 65 -30.27 -16.99 -17.14
N LEU A 66 -30.42 -18.29 -16.90
CA LEU A 66 -29.79 -18.98 -15.78
C LEU A 66 -28.58 -19.83 -16.18
N CYS A 67 -27.69 -20.09 -15.23
CA CYS A 67 -26.49 -20.89 -15.47
C CYS A 67 -25.89 -21.44 -14.18
N LYS A 68 -25.91 -22.76 -14.02
CA LYS A 68 -25.41 -23.42 -12.82
C LYS A 68 -24.02 -24.01 -12.95
N GLY A 69 -23.23 -23.92 -11.89
CA GLY A 69 -21.88 -24.47 -11.92
C GLY A 69 -21.05 -24.26 -10.67
N ASP A 70 -20.10 -25.14 -10.43
CA ASP A 70 -19.21 -25.04 -9.28
C ASP A 70 -17.91 -24.43 -9.79
N LEU A 71 -17.28 -23.60 -8.96
CA LEU A 71 -16.05 -22.94 -9.39
C LEU A 71 -14.79 -23.36 -8.66
N SER A 72 -14.81 -24.50 -7.99
CA SER A 72 -13.65 -25.00 -7.27
C SER A 72 -12.61 -25.52 -8.26
N LEU A 73 -11.34 -25.59 -7.84
CA LEU A 73 -10.30 -26.11 -8.72
C LEU A 73 -10.71 -27.52 -9.10
N SER A 74 -10.39 -27.92 -10.32
CA SER A 74 -10.77 -29.23 -10.83
C SER A 74 -10.36 -29.39 -12.29
N SER A 75 -10.44 -30.62 -12.78
CA SER A 75 -10.10 -30.88 -14.17
C SER A 75 -11.12 -30.18 -15.09
N SER A 76 -12.32 -30.00 -14.56
CA SER A 76 -13.43 -29.38 -15.30
C SER A 76 -13.58 -27.87 -15.15
N LEU A 77 -12.87 -27.25 -14.21
CA LEU A 77 -13.01 -25.80 -14.01
C LEU A 77 -12.86 -25.00 -15.29
N LEU A 78 -11.78 -25.24 -16.01
CA LEU A 78 -11.52 -24.50 -17.24
C LEU A 78 -12.70 -24.51 -18.21
N ASP A 79 -13.25 -25.69 -18.47
CA ASP A 79 -14.38 -25.81 -19.39
C ASP A 79 -15.65 -25.22 -18.80
N CYS A 80 -15.79 -25.31 -17.49
CA CYS A 80 -16.96 -24.78 -16.83
C CYS A 80 -17.01 -23.26 -16.98
N CYS A 81 -15.85 -22.62 -16.87
CA CYS A 81 -15.77 -21.17 -17.01
C CYS A 81 -16.01 -20.81 -18.47
N GLU A 82 -15.54 -21.65 -19.38
CA GLU A 82 -15.74 -21.40 -20.80
C GLU A 82 -17.22 -21.39 -21.17
N ASP A 83 -17.97 -22.32 -20.59
CA ASP A 83 -19.41 -22.45 -20.84
C ASP A 83 -20.23 -21.36 -20.20
N ILE A 84 -19.76 -20.86 -19.06
CA ILE A 84 -20.48 -19.82 -18.37
C ILE A 84 -20.43 -18.53 -19.21
N ILE A 85 -19.30 -18.27 -19.86
CA ILE A 85 -19.17 -17.08 -20.72
C ILE A 85 -19.94 -17.33 -22.01
N ASP A 86 -19.76 -18.52 -22.57
CA ASP A 86 -20.46 -18.90 -23.80
C ASP A 86 -21.96 -18.74 -23.65
N CYS A 87 -22.46 -19.03 -22.45
CA CYS A 87 -23.88 -18.93 -22.13
C CYS A 87 -24.40 -17.54 -22.48
N SER A 88 -23.57 -16.52 -22.24
CA SER A 88 -23.96 -15.14 -22.53
C SER A 88 -24.08 -14.90 -24.02
N PHE A 89 -23.19 -15.51 -24.81
CA PHE A 89 -23.22 -15.35 -26.24
C PHE A 89 -24.37 -16.13 -26.88
N ARG A 90 -24.62 -17.34 -26.40
CA ARG A 90 -25.71 -18.15 -26.92
C ARG A 90 -27.03 -17.41 -26.71
N ALA A 91 -27.24 -16.96 -25.48
CA ALA A 91 -28.47 -16.26 -25.12
C ALA A 91 -28.58 -14.85 -25.66
N PHE A 92 -27.46 -14.12 -25.69
CA PHE A 92 -27.51 -12.73 -26.14
C PHE A 92 -26.57 -12.35 -27.28
N GLY A 93 -25.76 -13.30 -27.74
CA GLY A 93 -24.85 -13.00 -28.83
C GLY A 93 -23.76 -11.99 -28.45
N ARG A 94 -23.64 -11.71 -27.16
CA ARG A 94 -22.63 -10.78 -26.67
C ARG A 94 -22.47 -10.83 -25.15
N CYS A 95 -21.35 -10.27 -24.69
CA CYS A 95 -21.04 -10.19 -23.27
C CYS A 95 -20.18 -8.94 -23.10
N ASP A 96 -20.72 -7.93 -22.42
CA ASP A 96 -19.99 -6.69 -22.24
C ASP A 96 -19.42 -6.50 -20.83
N VAL A 97 -20.15 -7.01 -19.84
CA VAL A 97 -19.75 -6.88 -18.45
C VAL A 97 -19.69 -8.22 -17.72
N LEU A 98 -18.64 -8.37 -16.93
CA LEU A 98 -18.40 -9.58 -16.14
C LEU A 98 -18.15 -9.16 -14.69
N VAL A 99 -19.01 -9.64 -13.79
CA VAL A 99 -18.90 -9.33 -12.38
C VAL A 99 -18.56 -10.60 -11.59
N ASN A 100 -17.32 -10.69 -11.11
CA ASN A 100 -16.87 -11.85 -10.34
C ASN A 100 -17.24 -11.71 -8.86
N ASN A 101 -18.45 -12.13 -8.55
CA ASN A 101 -18.99 -12.05 -7.21
C ASN A 101 -18.89 -13.36 -6.42
N ALA A 102 -19.08 -14.49 -7.09
CA ALA A 102 -19.01 -15.81 -6.45
C ALA A 102 -17.82 -15.88 -5.51
N SER A 103 -18.01 -16.50 -4.34
CA SER A 103 -16.93 -16.61 -3.38
C SER A 103 -17.19 -17.57 -2.22
N ALA A 104 -16.28 -18.50 -2.01
CA ALA A 104 -16.42 -19.44 -0.91
C ALA A 104 -15.80 -18.72 0.28
N TYR A 105 -16.37 -18.88 1.46
CA TYR A 105 -15.85 -18.19 2.63
C TYR A 105 -16.00 -18.95 3.94
N TYR A 106 -14.88 -19.38 4.50
CA TYR A 106 -14.91 -20.09 5.77
C TYR A 106 -13.49 -20.27 6.28
N PRO A 107 -13.35 -20.53 7.59
CA PRO A 107 -12.04 -20.71 8.23
C PRO A 107 -11.26 -21.97 7.84
N THR A 108 -9.94 -21.88 7.99
CA THR A 108 -9.00 -22.97 7.70
C THR A 108 -7.80 -22.71 8.60
N PRO A 109 -7.97 -22.84 9.94
CA PRO A 109 -6.90 -22.60 10.92
C PRO A 109 -5.63 -23.42 10.72
N LEU A 110 -4.48 -22.74 10.79
CA LEU A 110 -3.19 -23.40 10.61
C LEU A 110 -2.99 -24.47 11.68
N LEU A 111 -3.30 -24.12 12.93
CA LEU A 111 -3.16 -25.08 14.02
C LEU A 111 -4.52 -25.71 14.31
N PRO A 112 -4.54 -27.02 14.57
CA PRO A 112 -5.77 -27.76 14.87
C PRO A 112 -6.47 -27.27 16.13
N LYS A 123 -13.59 -31.29 6.82
CA LYS A 123 -13.24 -31.19 5.41
C LYS A 123 -11.74 -30.98 5.17
N PRO A 124 -11.13 -31.83 4.32
CA PRO A 124 -9.72 -31.84 3.93
C PRO A 124 -9.16 -30.49 3.50
N ILE A 125 -7.91 -30.23 3.86
CA ILE A 125 -7.25 -28.98 3.53
C ILE A 125 -7.08 -28.79 2.01
N ASP A 126 -6.74 -29.88 1.33
CA ASP A 126 -6.56 -29.84 -0.12
C ASP A 126 -7.86 -29.44 -0.78
N ALA A 127 -8.96 -29.99 -0.26
CA ALA A 127 -10.28 -29.70 -0.80
C ALA A 127 -10.62 -28.24 -0.55
N GLN A 128 -10.21 -27.74 0.62
CA GLN A 128 -10.48 -26.35 0.97
C GLN A 128 -9.73 -25.38 0.05
N VAL A 129 -8.45 -25.62 -0.17
CA VAL A 129 -7.68 -24.73 -1.04
C VAL A 129 -8.24 -24.79 -2.46
N ALA A 130 -8.85 -25.91 -2.82
CA ALA A 130 -9.42 -26.05 -4.14
C ALA A 130 -10.69 -25.21 -4.29
N GLU A 131 -11.52 -25.18 -3.25
CA GLU A 131 -12.75 -24.39 -3.33
C GLU A 131 -12.52 -22.91 -3.04
N LEU A 132 -11.64 -22.60 -2.10
CA LEU A 132 -11.38 -21.20 -1.77
C LEU A 132 -10.62 -20.50 -2.87
N PHE A 133 -9.57 -21.12 -3.38
CA PHE A 133 -8.78 -20.53 -4.46
C PHE A 133 -9.50 -20.55 -5.80
N GLY A 134 -10.26 -21.61 -6.05
CA GLY A 134 -10.98 -21.72 -7.30
C GLY A 134 -12.00 -20.60 -7.50
N SER A 135 -12.90 -20.45 -6.53
CA SER A 135 -13.94 -19.42 -6.61
C SER A 135 -13.47 -17.97 -6.47
N ASN A 136 -12.47 -17.73 -5.62
CA ASN A 136 -11.99 -16.37 -5.39
C ASN A 136 -10.89 -15.86 -6.29
N ALA A 137 -10.16 -16.75 -6.95
CA ALA A 137 -9.07 -16.33 -7.80
C ALA A 137 -8.98 -17.02 -9.16
N VAL A 138 -8.76 -18.32 -9.16
CA VAL A 138 -8.61 -19.07 -10.40
C VAL A 138 -9.83 -18.98 -11.31
N ALA A 139 -11.02 -19.24 -10.79
CA ALA A 139 -12.20 -19.16 -11.64
C ALA A 139 -12.20 -17.79 -12.29
N PRO A 140 -12.15 -16.70 -11.48
CA PRO A 140 -12.14 -15.35 -12.06
C PRO A 140 -11.14 -15.24 -13.20
N LEU A 141 -9.95 -15.79 -13.01
CA LEU A 141 -8.92 -15.77 -14.04
C LEU A 141 -9.39 -16.41 -15.36
N PHE A 142 -10.02 -17.59 -15.27
CA PHE A 142 -10.49 -18.25 -16.47
C PHE A 142 -11.67 -17.51 -17.09
N LEU A 143 -12.53 -16.94 -16.26
CA LEU A 143 -13.67 -16.18 -16.78
C LEU A 143 -13.14 -14.99 -17.59
N ILE A 144 -12.26 -14.21 -16.98
CA ILE A 144 -11.69 -13.03 -17.63
C ILE A 144 -10.99 -13.44 -18.92
N ARG A 145 -10.24 -14.53 -18.86
CA ARG A 145 -9.51 -15.03 -20.02
C ARG A 145 -10.48 -15.43 -21.13
N ALA A 146 -11.56 -16.10 -20.74
CA ALA A 146 -12.57 -16.52 -21.71
C ALA A 146 -13.29 -15.31 -22.27
N PHE A 147 -13.64 -14.38 -21.38
CA PHE A 147 -14.36 -13.15 -21.73
C PHE A 147 -13.57 -12.27 -22.68
N ALA A 148 -12.25 -12.26 -22.55
CA ALA A 148 -11.45 -11.42 -23.42
C ALA A 148 -11.20 -12.06 -24.78
N ARG A 149 -10.96 -13.36 -24.79
CA ARG A 149 -10.69 -14.05 -26.04
C ARG A 149 -11.86 -14.02 -27.01
N ARG A 150 -13.07 -14.08 -26.46
CA ARG A 150 -14.27 -14.08 -27.30
C ARG A 150 -14.80 -12.72 -27.71
N GLN A 151 -14.08 -11.66 -27.39
CA GLN A 151 -14.51 -10.31 -27.75
C GLN A 151 -14.15 -9.99 -29.20
N ASN A 161 -18.18 -0.55 -24.41
CA ASN A 161 -17.75 -0.34 -23.02
C ASN A 161 -17.66 -1.67 -22.26
N LEU A 162 -16.57 -2.40 -22.52
CA LEU A 162 -16.29 -3.69 -21.89
C LEU A 162 -15.53 -3.52 -20.57
N SER A 163 -16.04 -4.11 -19.51
CA SER A 163 -15.35 -4.01 -18.24
C SER A 163 -15.59 -5.21 -17.33
N VAL A 164 -14.64 -5.43 -16.43
CA VAL A 164 -14.74 -6.53 -15.48
C VAL A 164 -14.71 -5.93 -14.08
N VAL A 165 -15.52 -6.47 -13.18
CA VAL A 165 -15.52 -5.97 -11.82
C VAL A 165 -15.36 -7.15 -10.86
N ASN A 166 -14.22 -7.22 -10.19
CA ASN A 166 -13.96 -8.30 -9.25
C ASN A 166 -14.34 -7.84 -7.85
N LEU A 167 -14.97 -8.71 -7.08
CA LEU A 167 -15.35 -8.37 -5.72
C LEU A 167 -14.19 -8.76 -4.79
N CYS A 168 -13.58 -7.75 -4.16
CA CYS A 168 -12.46 -7.99 -3.25
C CYS A 168 -12.94 -7.88 -1.81
N ASP A 169 -11.99 -7.69 -0.90
CA ASP A 169 -12.27 -7.57 0.52
C ASP A 169 -11.34 -6.51 1.11
N ALA A 170 -11.90 -5.39 1.54
CA ALA A 170 -11.08 -4.32 2.09
C ALA A 170 -10.31 -4.72 3.36
N MSE A 171 -10.86 -5.67 4.12
CA MSE A 171 -10.25 -6.10 5.36
C MSE A 171 -9.13 -7.14 5.26
O MSE A 171 -8.50 -7.46 6.26
CB MSE A 171 -11.33 -6.63 6.31
CG MSE A 171 -12.36 -5.59 6.73
SE MSE A 171 -11.60 -3.94 7.37
CE MSE A 171 -11.76 -2.95 5.73
N THR A 172 -8.87 -7.66 4.06
CA THR A 172 -7.85 -8.68 3.92
C THR A 172 -6.45 -8.20 4.30
N ASP A 173 -6.31 -6.89 4.53
CA ASP A 173 -5.03 -6.31 4.93
C ASP A 173 -4.83 -6.50 6.43
N LEU A 174 -5.94 -6.73 7.12
CA LEU A 174 -5.92 -6.99 8.54
C LEU A 174 -6.55 -8.38 8.62
N PRO A 175 -5.78 -9.40 8.21
CA PRO A 175 -6.19 -10.80 8.18
C PRO A 175 -7.06 -11.28 9.34
N LEU A 176 -8.22 -11.79 8.99
CA LEU A 176 -9.15 -12.32 9.98
C LEU A 176 -8.52 -13.63 10.47
N PRO A 177 -8.29 -13.76 11.77
CA PRO A 177 -7.68 -14.97 12.35
C PRO A 177 -8.43 -16.26 11.99
N GLY A 178 -7.72 -17.20 11.36
CA GLY A 178 -8.34 -18.46 10.97
C GLY A 178 -8.79 -18.57 9.52
N PHE A 179 -8.69 -17.48 8.76
CA PHE A 179 -9.12 -17.50 7.36
C PHE A 179 -7.93 -17.37 6.43
N CYS A 180 -6.84 -18.01 6.84
CA CYS A 180 -5.59 -18.02 6.10
C CYS A 180 -5.74 -18.24 4.60
N VAL A 181 -6.43 -19.31 4.20
CA VAL A 181 -6.57 -19.61 2.79
C VAL A 181 -7.40 -18.58 2.03
N TYR A 182 -8.54 -18.20 2.60
CA TYR A 182 -9.41 -17.20 1.97
C TYR A 182 -8.64 -15.89 1.74
N THR A 183 -7.85 -15.48 2.73
CA THR A 183 -7.07 -14.25 2.64
C THR A 183 -6.08 -14.29 1.48
N MSE A 184 -5.43 -15.42 1.28
CA MSE A 184 -4.48 -15.57 0.17
C MSE A 184 -5.23 -15.49 -1.15
O MSE A 184 -4.79 -14.84 -2.08
CB MSE A 184 -3.77 -16.93 0.22
CG MSE A 184 -2.81 -17.11 1.38
SE MSE A 184 -2.25 -18.97 1.52
CE MSE A 184 -1.36 -19.11 -0.16
N ALA A 185 -6.38 -16.16 -1.21
CA ALA A 185 -7.19 -16.18 -2.42
C ALA A 185 -7.58 -14.78 -2.85
N LYS A 186 -8.05 -13.96 -1.90
CA LYS A 186 -8.43 -12.59 -2.21
C LYS A 186 -7.22 -11.76 -2.61
N HIS A 187 -6.07 -11.96 -1.95
CA HIS A 187 -4.87 -11.22 -2.31
C HIS A 187 -4.54 -11.51 -3.77
N ALA A 188 -4.66 -12.77 -4.16
CA ALA A 188 -4.40 -13.20 -5.53
C ALA A 188 -5.41 -12.52 -6.45
N LEU A 189 -6.65 -12.37 -5.98
CA LEU A 189 -7.68 -11.72 -6.80
C LEU A 189 -7.24 -10.27 -7.06
N GLY A 190 -6.62 -9.65 -6.05
CA GLY A 190 -6.13 -8.29 -6.21
C GLY A 190 -5.02 -8.22 -7.26
N GLY A 191 -4.09 -9.17 -7.24
CA GLY A 191 -3.02 -9.17 -8.23
C GLY A 191 -3.60 -9.32 -9.63
N LEU A 192 -4.61 -10.17 -9.75
CA LEU A 192 -5.27 -10.39 -11.03
C LEU A 192 -5.91 -9.12 -11.56
N THR A 193 -6.55 -8.35 -10.68
CA THR A 193 -7.20 -7.12 -11.11
C THR A 193 -6.19 -6.20 -11.79
N ARG A 194 -5.02 -6.04 -11.20
CA ARG A 194 -4.01 -5.16 -11.78
C ARG A 194 -3.29 -5.80 -12.98
N ALA A 195 -3.03 -7.09 -12.91
CA ALA A 195 -2.37 -7.79 -14.01
C ALA A 195 -3.27 -7.71 -15.24
N ALA A 196 -4.51 -8.14 -15.08
CA ALA A 196 -5.48 -8.11 -16.18
C ALA A 196 -5.70 -6.69 -16.73
N ALA A 197 -5.86 -5.72 -15.82
CA ALA A 197 -6.08 -4.34 -16.23
C ALA A 197 -5.03 -3.83 -17.19
N LEU A 198 -3.77 -4.14 -16.92
CA LEU A 198 -2.69 -3.70 -17.80
C LEU A 198 -2.66 -4.45 -19.13
N GLU A 199 -2.77 -5.77 -19.08
CA GLU A 199 -2.75 -6.58 -20.29
C GLU A 199 -3.96 -6.39 -21.22
N LEU A 200 -5.09 -5.98 -20.65
CA LEU A 200 -6.30 -5.78 -21.45
C LEU A 200 -6.58 -4.35 -21.85
N ALA A 201 -5.74 -3.42 -21.42
CA ALA A 201 -5.93 -2.00 -21.76
C ALA A 201 -5.93 -1.84 -23.28
N PRO A 202 -4.97 -2.49 -23.97
CA PRO A 202 -4.92 -2.39 -25.44
C PRO A 202 -6.18 -2.96 -26.08
N ARG A 203 -6.86 -3.86 -25.38
CA ARG A 203 -8.09 -4.49 -25.88
C ARG A 203 -9.31 -3.67 -25.45
N HIS A 204 -9.07 -2.51 -24.85
CA HIS A 204 -10.13 -1.65 -24.39
C HIS A 204 -11.08 -2.30 -23.39
N ILE A 205 -10.53 -3.19 -22.55
CA ILE A 205 -11.36 -3.80 -21.53
C ILE A 205 -10.82 -3.30 -20.20
N ARG A 206 -11.69 -2.69 -19.41
CA ARG A 206 -11.32 -2.17 -18.11
C ARG A 206 -11.55 -3.27 -17.07
N VAL A 207 -10.65 -3.35 -16.09
CA VAL A 207 -10.73 -4.33 -15.03
C VAL A 207 -10.55 -3.58 -13.71
N ASN A 208 -11.59 -3.55 -12.89
CA ASN A 208 -11.50 -2.88 -11.61
C ASN A 208 -12.06 -3.79 -10.52
N ALA A 209 -12.12 -3.27 -9.30
CA ALA A 209 -12.62 -4.06 -8.19
C ALA A 209 -13.31 -3.20 -7.16
N VAL A 210 -14.26 -3.79 -6.46
CA VAL A 210 -14.96 -3.12 -5.38
C VAL A 210 -14.60 -3.96 -4.18
N ALA A 211 -14.25 -3.31 -3.08
CA ALA A 211 -13.84 -4.01 -1.86
C ALA A 211 -14.66 -3.62 -0.65
N PRO A 212 -15.66 -4.44 -0.31
CA PRO A 212 -16.50 -4.14 0.86
C PRO A 212 -15.72 -4.44 2.13
N GLY A 213 -16.20 -3.91 3.26
CA GLY A 213 -15.57 -4.18 4.53
C GLY A 213 -16.52 -5.08 5.28
N LEU A 214 -17.57 -4.48 5.81
CA LEU A 214 -18.61 -5.22 6.52
C LEU A 214 -19.91 -4.93 5.79
N SER A 215 -20.41 -5.94 5.08
CA SER A 215 -21.66 -5.83 4.35
C SER A 215 -22.59 -6.87 4.96
N LEU A 216 -23.50 -7.44 4.18
CA LEU A 216 -24.45 -8.41 4.71
C LEU A 216 -23.84 -9.52 5.58
N LEU A 217 -24.24 -9.55 6.84
CA LEU A 217 -23.74 -10.57 7.77
C LEU A 217 -24.31 -11.96 7.46
N PRO A 218 -23.66 -13.02 7.98
CA PRO A 218 -24.13 -14.39 7.76
C PRO A 218 -25.54 -14.52 8.34
N PRO A 219 -26.50 -14.98 7.53
CA PRO A 219 -27.89 -15.13 7.97
C PRO A 219 -28.12 -15.94 9.25
N ALA A 220 -27.26 -16.92 9.50
CA ALA A 220 -27.39 -17.76 10.69
C ALA A 220 -26.78 -17.12 11.94
N MSE A 221 -26.03 -16.04 11.76
CA MSE A 221 -25.38 -15.35 12.87
C MSE A 221 -26.37 -14.72 13.83
O MSE A 221 -27.26 -13.97 13.44
CB MSE A 221 -24.42 -14.27 12.36
CG MSE A 221 -23.71 -13.49 13.46
SE MSE A 221 -22.47 -12.13 12.83
CE MSE A 221 -20.96 -13.29 12.49
N PRO A 222 -26.26 -15.04 15.13
CA PRO A 222 -27.16 -14.49 16.15
C PRO A 222 -27.08 -12.96 16.24
N GLN A 223 -28.25 -12.33 16.33
CA GLN A 223 -28.34 -10.88 16.40
C GLN A 223 -27.34 -10.15 17.28
N GLU A 224 -27.13 -10.63 18.50
CA GLU A 224 -26.20 -9.94 19.38
C GLU A 224 -24.81 -9.89 18.78
N THR A 225 -24.41 -10.95 18.09
CA THR A 225 -23.10 -10.99 17.46
C THR A 225 -23.12 -9.95 16.35
N GLN A 226 -24.18 -10.00 15.55
CA GLN A 226 -24.34 -9.07 14.44
C GLN A 226 -24.24 -7.63 14.92
N GLU A 227 -24.83 -7.36 16.07
CA GLU A 227 -24.81 -6.00 16.60
C GLU A 227 -23.40 -5.61 17.02
N GLU A 228 -22.66 -6.57 17.57
CA GLU A 228 -21.30 -6.31 18.00
C GLU A 228 -20.44 -5.97 16.78
N TYR A 229 -20.75 -6.58 15.64
CA TYR A 229 -20.02 -6.32 14.40
C TYR A 229 -20.36 -4.94 13.84
N ARG A 230 -21.64 -4.59 13.83
CA ARG A 230 -22.08 -3.30 13.32
C ARG A 230 -21.48 -2.16 14.10
N ARG A 231 -21.45 -2.30 15.42
CA ARG A 231 -20.93 -1.25 16.27
C ARG A 231 -19.53 -0.77 15.88
N LYS A 232 -18.75 -1.65 15.27
CA LYS A 232 -17.39 -1.30 14.87
C LYS A 232 -17.24 -0.36 13.67
N VAL A 233 -18.30 -0.23 12.87
CA VAL A 233 -18.25 0.63 11.69
C VAL A 233 -18.30 2.13 12.03
N PRO A 234 -17.20 2.84 11.78
CA PRO A 234 -17.10 4.28 12.05
C PRO A 234 -18.27 5.10 11.49
N LEU A 235 -18.62 4.88 10.23
CA LEU A 235 -19.70 5.64 9.62
C LEU A 235 -21.10 5.02 9.80
N GLY A 236 -21.80 5.47 10.85
CA GLY A 236 -23.14 4.97 11.10
C GLY A 236 -23.28 3.71 11.93
N GLN A 237 -22.18 3.04 12.23
CA GLN A 237 -22.22 1.80 13.00
C GLN A 237 -23.21 0.86 12.32
N SER A 238 -23.06 0.70 11.02
CA SER A 238 -23.96 -0.15 10.27
C SER A 238 -23.22 -0.80 9.11
N GLU A 239 -23.62 -2.02 8.75
CA GLU A 239 -22.98 -2.73 7.64
C GLU A 239 -23.49 -2.12 6.34
N ALA A 240 -22.77 -2.36 5.26
CA ALA A 240 -23.17 -1.84 3.96
C ALA A 240 -24.31 -2.68 3.41
N SER A 241 -25.39 -2.02 2.97
CA SER A 241 -26.51 -2.74 2.40
C SER A 241 -26.02 -3.24 1.06
N ALA A 242 -26.73 -4.21 0.48
CA ALA A 242 -26.35 -4.77 -0.80
C ALA A 242 -26.45 -3.71 -1.89
N ALA A 243 -27.43 -2.82 -1.75
CA ALA A 243 -27.63 -1.76 -2.73
C ALA A 243 -26.41 -0.84 -2.79
N GLN A 244 -25.92 -0.43 -1.64
CA GLN A 244 -24.74 0.46 -1.57
C GLN A 244 -23.57 -0.15 -2.30
N ILE A 245 -23.47 -1.47 -2.28
CA ILE A 245 -22.38 -2.16 -2.97
C ILE A 245 -22.66 -2.17 -4.46
N ALA A 246 -23.92 -2.41 -4.84
CA ALA A 246 -24.27 -2.43 -6.26
C ALA A 246 -24.05 -1.04 -6.87
N ASP A 247 -24.23 0.00 -6.07
CA ASP A 247 -24.01 1.37 -6.54
C ASP A 247 -22.58 1.54 -7.05
N ALA A 248 -21.61 1.12 -6.24
CA ALA A 248 -20.21 1.22 -6.60
C ALA A 248 -19.92 0.46 -7.88
N ILE A 249 -20.51 -0.72 -7.99
CA ILE A 249 -20.30 -1.56 -9.17
C ILE A 249 -20.93 -0.90 -10.39
N ALA A 250 -22.15 -0.39 -10.23
CA ALA A 250 -22.83 0.27 -11.34
C ALA A 250 -21.97 1.45 -11.81
N PHE A 251 -21.36 2.15 -10.86
CA PHE A 251 -20.51 3.26 -11.23
C PHE A 251 -19.31 2.81 -12.06
N LEU A 252 -18.59 1.79 -11.62
CA LEU A 252 -17.41 1.33 -12.37
C LEU A 252 -17.75 0.78 -13.75
N VAL A 253 -18.97 0.28 -13.93
CA VAL A 253 -19.35 -0.24 -15.24
C VAL A 253 -19.84 0.91 -16.11
N SER A 254 -20.37 1.96 -15.50
CA SER A 254 -20.88 3.09 -16.26
C SER A 254 -19.80 3.82 -17.06
N LYS A 255 -20.24 4.65 -18.00
CA LYS A 255 -19.33 5.42 -18.82
C LYS A 255 -18.66 6.54 -18.02
N ASP A 256 -19.19 6.80 -16.83
CA ASP A 256 -18.65 7.81 -15.94
C ASP A 256 -17.31 7.38 -15.34
N ALA A 257 -16.89 6.16 -15.71
CA ALA A 257 -15.64 5.60 -15.22
C ALA A 257 -14.84 5.14 -16.42
N GLY A 258 -15.17 5.70 -17.58
CA GLY A 258 -14.48 5.32 -18.80
C GLY A 258 -12.96 5.35 -18.79
N TYR A 259 -12.37 6.12 -17.88
CA TYR A 259 -10.90 6.24 -17.83
C TYR A 259 -10.34 5.48 -16.64
N ILE A 260 -11.20 4.73 -15.95
CA ILE A 260 -10.75 4.00 -14.78
C ILE A 260 -10.51 2.51 -15.01
N THR A 261 -9.29 2.07 -14.72
CA THR A 261 -8.95 0.66 -14.86
C THR A 261 -7.78 0.32 -13.95
N GLY A 262 -7.82 -0.88 -13.38
CA GLY A 262 -6.77 -1.31 -12.48
C GLY A 262 -6.97 -0.78 -11.07
N THR A 263 -8.10 -0.13 -10.82
CA THR A 263 -8.32 0.42 -9.48
C THR A 263 -9.28 -0.39 -8.61
N THR A 264 -9.09 -0.27 -7.31
CA THR A 264 -9.94 -0.96 -6.36
C THR A 264 -10.71 0.10 -5.57
N LEU A 265 -12.02 0.04 -5.65
CA LEU A 265 -12.87 0.99 -4.94
C LEU A 265 -13.31 0.36 -3.61
N LYS A 266 -12.85 0.95 -2.51
CA LYS A 266 -13.17 0.46 -1.19
C LYS A 266 -14.49 1.06 -0.73
N VAL A 267 -15.37 0.23 -0.17
CA VAL A 267 -16.69 0.69 0.31
C VAL A 267 -16.85 0.07 1.70
N ASP A 268 -16.20 0.65 2.71
CA ASP A 268 -16.25 0.08 4.06
C ASP A 268 -16.62 1.00 5.21
N GLY A 269 -17.08 2.21 4.89
CA GLY A 269 -17.45 3.13 5.95
C GLY A 269 -16.32 3.39 6.93
N GLY A 270 -15.08 3.36 6.45
CA GLY A 270 -13.93 3.62 7.30
C GLY A 270 -13.48 2.53 8.24
N LEU A 271 -14.15 1.37 8.20
CA LEU A 271 -13.84 0.23 9.06
C LEU A 271 -12.35 -0.11 9.06
N ILE A 272 -11.75 -0.11 7.87
CA ILE A 272 -10.33 -0.43 7.74
C ILE A 272 -9.39 0.60 8.41
N LEU A 273 -9.89 1.78 8.72
CA LEU A 273 -9.09 2.80 9.37
C LEU A 273 -9.05 2.61 10.88
N ALA A 274 -10.03 1.88 11.41
CA ALA A 274 -10.16 1.61 12.85
C ALA A 274 -9.00 0.85 13.50
N ARG A 275 -8.31 1.53 14.41
CA ARG A 275 -7.18 0.99 15.14
C ARG A 275 -7.65 -0.01 16.19
N ALA A 276 -6.99 -1.16 16.27
CA ALA A 276 -7.35 -2.16 17.25
C ALA A 276 -6.99 -1.70 18.66
N CYS B 11 22.52 -26.69 18.08
CA CYS B 11 22.55 -26.14 16.70
C CYS B 11 21.17 -26.14 16.05
N PRO B 12 20.72 -24.96 15.59
CA PRO B 12 19.41 -24.81 14.95
C PRO B 12 19.45 -25.34 13.52
N ALA B 13 18.30 -25.80 13.03
CA ALA B 13 18.18 -26.33 11.68
C ALA B 13 17.29 -25.43 10.81
N ALA B 14 17.63 -25.35 9.53
CA ALA B 14 16.89 -24.54 8.57
C ALA B 14 16.58 -25.33 7.32
N VAL B 15 15.40 -25.09 6.76
CA VAL B 15 15.01 -25.76 5.54
C VAL B 15 14.95 -24.72 4.42
N ILE B 16 15.67 -24.94 3.33
CA ILE B 16 15.66 -24.00 2.21
C ILE B 16 15.14 -24.68 0.95
N THR B 17 13.93 -24.32 0.51
CA THR B 17 13.38 -24.92 -0.69
C THR B 17 14.10 -24.31 -1.90
N GLY B 18 14.37 -25.14 -2.90
CA GLY B 18 15.06 -24.64 -4.07
C GLY B 18 16.43 -24.07 -3.70
N GLY B 19 17.08 -24.65 -2.70
CA GLY B 19 18.38 -24.16 -2.26
C GLY B 19 19.60 -24.67 -3.00
N ALA B 20 19.39 -25.36 -4.12
CA ALA B 20 20.51 -25.91 -4.89
C ALA B 20 21.32 -24.90 -5.69
N ARG B 21 20.67 -23.88 -6.25
CA ARG B 21 21.40 -22.90 -7.05
C ARG B 21 21.01 -21.46 -6.77
N ARG B 22 21.75 -20.56 -7.42
CA ARG B 22 21.50 -19.12 -7.35
C ARG B 22 21.23 -18.56 -5.96
N ILE B 23 20.19 -17.75 -5.84
CA ILE B 23 19.85 -17.13 -4.56
C ILE B 23 19.71 -18.16 -3.46
N GLY B 24 18.96 -19.23 -3.73
CA GLY B 24 18.75 -20.26 -2.74
C GLY B 24 20.04 -20.87 -2.23
N HIS B 25 21.00 -21.01 -3.14
CA HIS B 25 22.30 -21.57 -2.81
C HIS B 25 23.02 -20.61 -1.85
N SER B 26 22.93 -19.32 -2.15
CA SER B 26 23.57 -18.31 -1.32
C SER B 26 22.92 -18.23 0.06
N ILE B 27 21.63 -18.54 0.15
CA ILE B 27 20.95 -18.50 1.43
C ILE B 27 21.40 -19.70 2.27
N ALA B 28 21.44 -20.85 1.64
CA ALA B 28 21.85 -22.06 2.35
C ALA B 28 23.28 -21.90 2.91
N VAL B 29 24.18 -21.35 2.10
CA VAL B 29 25.55 -21.16 2.55
C VAL B 29 25.65 -20.15 3.70
N ARG B 30 24.97 -19.02 3.56
CA ARG B 30 25.00 -17.99 4.59
C ARG B 30 24.50 -18.52 5.93
N LEU B 31 23.36 -19.20 5.94
CA LEU B 31 22.83 -19.71 7.18
C LEU B 31 23.78 -20.71 7.80
N HIS B 32 24.39 -21.55 6.96
CA HIS B 32 25.32 -22.54 7.44
C HIS B 32 26.54 -21.85 8.07
N GLN B 33 27.02 -20.78 7.43
CA GLN B 33 28.18 -20.06 7.97
C GLN B 33 27.87 -19.45 9.34
N GLN B 34 26.60 -19.50 9.74
CA GLN B 34 26.19 -18.96 11.02
C GLN B 34 25.83 -20.00 12.08
N GLY B 35 26.12 -21.27 11.81
CA GLY B 35 25.82 -22.30 12.79
C GLY B 35 24.58 -23.11 12.49
N PHE B 36 23.93 -22.81 11.38
CA PHE B 36 22.74 -23.53 10.98
C PHE B 36 23.00 -24.85 10.28
N ARG B 37 22.18 -25.85 10.62
CA ARG B 37 22.26 -27.09 9.95
C ARG B 37 21.17 -27.02 8.95
N VAL B 38 21.51 -27.19 7.69
CA VAL B 38 20.54 -26.96 6.65
C VAL B 38 20.05 -28.18 5.88
N VAL B 39 18.77 -28.12 5.50
CA VAL B 39 18.18 -29.13 4.63
C VAL B 39 18.10 -28.47 3.24
N VAL B 40 18.83 -28.99 2.27
CA VAL B 40 18.80 -28.40 0.93
C VAL B 40 17.83 -29.15 0.03
N HIS B 41 16.67 -28.54 -0.20
CA HIS B 41 15.66 -29.13 -1.07
C HIS B 41 15.89 -28.72 -2.52
N TYR B 42 15.47 -29.58 -3.44
CA TYR B 42 15.61 -29.32 -4.87
C TYR B 42 14.56 -30.15 -5.60
N ARG B 43 14.44 -29.93 -6.91
CA ARG B 43 13.51 -30.68 -7.73
C ARG B 43 14.27 -31.41 -8.86
N HIS B 44 15.11 -30.67 -9.58
CA HIS B 44 15.88 -31.23 -10.69
C HIS B 44 17.37 -31.00 -10.57
N SER B 45 17.79 -29.91 -9.93
CA SER B 45 19.21 -29.64 -9.77
C SER B 45 19.84 -30.56 -8.75
N GLU B 46 19.63 -31.85 -8.93
CA GLU B 46 20.14 -32.87 -8.04
C GLU B 46 21.66 -32.81 -7.87
N GLY B 47 22.38 -32.66 -8.98
CA GLY B 47 23.82 -32.60 -8.92
C GLY B 47 24.36 -31.38 -8.20
N ALA B 48 23.74 -30.23 -8.45
CA ALA B 48 24.17 -29.00 -7.81
C ALA B 48 23.89 -29.10 -6.31
N ALA B 49 22.79 -29.78 -5.98
CA ALA B 49 22.38 -29.98 -4.61
C ALA B 49 23.41 -30.81 -3.86
N GLN B 50 23.86 -31.91 -4.49
CA GLN B 50 24.84 -32.80 -3.88
C GLN B 50 26.18 -32.10 -3.69
N ARG B 51 26.59 -31.31 -4.67
CA ARG B 51 27.85 -30.59 -4.57
C ARG B 51 27.85 -29.60 -3.42
N LEU B 52 26.68 -29.03 -3.12
CA LEU B 52 26.56 -28.08 -2.03
C LEU B 52 26.56 -28.80 -0.69
N VAL B 53 25.75 -29.84 -0.58
CA VAL B 53 25.65 -30.60 0.65
C VAL B 53 27.01 -31.21 1.03
N ALA B 54 27.71 -31.75 0.04
CA ALA B 54 29.02 -32.36 0.29
C ALA B 54 29.96 -31.28 0.80
N GLU B 55 29.97 -30.16 0.09
CA GLU B 55 30.82 -29.02 0.43
C GLU B 55 30.55 -28.52 1.86
N LEU B 56 29.29 -28.58 2.30
CA LEU B 56 28.94 -28.10 3.63
C LEU B 56 29.35 -29.10 4.71
N ASN B 57 29.12 -30.39 4.45
CA ASN B 57 29.47 -31.42 5.40
C ASN B 57 30.99 -31.51 5.55
N ALA B 58 31.71 -31.10 4.50
CA ALA B 58 33.16 -31.12 4.52
C ALA B 58 33.64 -30.06 5.51
N ALA B 59 32.81 -29.05 5.73
CA ALA B 59 33.14 -27.98 6.67
C ALA B 59 32.68 -28.36 8.07
N ARG B 60 31.62 -29.17 8.15
CA ARG B 60 31.07 -29.64 9.41
C ARG B 60 30.29 -30.92 9.18
N ALA B 61 30.88 -32.03 9.60
CA ALA B 61 30.24 -33.33 9.41
C ALA B 61 28.80 -33.30 9.91
N GLY B 62 27.92 -33.92 9.13
CA GLY B 62 26.50 -33.97 9.48
C GLY B 62 25.77 -32.65 9.62
N SER B 63 26.19 -31.61 8.92
CA SER B 63 25.51 -30.33 9.02
C SER B 63 24.63 -30.00 7.81
N ALA B 64 24.52 -30.92 6.86
CA ALA B 64 23.72 -30.69 5.67
C ALA B 64 23.14 -31.97 5.10
N VAL B 65 21.86 -31.93 4.74
CA VAL B 65 21.17 -33.07 4.15
C VAL B 65 20.46 -32.65 2.86
N LEU B 66 20.11 -33.64 2.04
CA LEU B 66 19.44 -33.40 0.78
C LEU B 66 17.98 -33.82 0.82
N CYS B 67 17.15 -33.21 -0.03
CA CYS B 67 15.72 -33.50 -0.07
C CYS B 67 15.09 -33.12 -1.42
N LYS B 68 14.53 -34.11 -2.12
CA LYS B 68 13.91 -33.88 -3.42
C LYS B 68 12.39 -33.83 -3.36
N GLY B 69 11.78 -32.95 -4.13
CA GLY B 69 10.33 -32.85 -4.12
C GLY B 69 9.74 -31.78 -5.01
N ASP B 70 8.70 -32.13 -5.76
CA ASP B 70 8.04 -31.19 -6.64
C ASP B 70 6.95 -30.47 -5.83
N LEU B 71 6.89 -29.16 -5.96
CA LEU B 71 5.91 -28.36 -5.21
C LEU B 71 4.69 -27.90 -5.99
N SER B 72 4.40 -28.54 -7.12
CA SER B 72 3.24 -28.17 -7.93
C SER B 72 1.97 -28.74 -7.33
N LEU B 73 0.84 -28.11 -7.67
CA LEU B 73 -0.44 -28.57 -7.16
C LEU B 73 -0.66 -29.99 -7.65
N SER B 74 -0.95 -30.90 -6.73
CA SER B 74 -1.22 -32.29 -7.07
C SER B 74 -1.78 -32.99 -5.84
N SER B 75 -2.24 -34.22 -6.03
CA SER B 75 -2.81 -35.00 -4.94
C SER B 75 -1.74 -35.34 -3.92
N SER B 76 -0.48 -35.27 -4.33
CA SER B 76 0.65 -35.61 -3.49
C SER B 76 1.37 -34.42 -2.86
N LEU B 77 0.96 -33.20 -3.19
CA LEU B 77 1.61 -32.01 -2.65
C LEU B 77 1.57 -31.93 -1.13
N LEU B 78 0.39 -32.12 -0.55
CA LEU B 78 0.25 -32.06 0.90
C LEU B 78 1.18 -33.00 1.66
N ASP B 79 1.38 -34.20 1.12
CA ASP B 79 2.25 -35.18 1.76
C ASP B 79 3.72 -34.86 1.50
N CYS B 80 4.01 -34.39 0.29
CA CYS B 80 5.38 -34.02 -0.08
C CYS B 80 5.90 -32.91 0.84
N CYS B 81 5.04 -31.95 1.16
CA CYS B 81 5.44 -30.84 2.04
C CYS B 81 5.65 -31.36 3.45
N GLU B 82 4.83 -32.33 3.84
CA GLU B 82 4.94 -32.94 5.16
C GLU B 82 6.28 -33.64 5.32
N ASP B 83 6.72 -34.34 4.27
CA ASP B 83 7.98 -35.06 4.30
C ASP B 83 9.19 -34.13 4.24
N ILE B 84 9.08 -33.04 3.52
CA ILE B 84 10.19 -32.12 3.40
C ILE B 84 10.54 -31.54 4.78
N ILE B 85 9.52 -31.27 5.60
CA ILE B 85 9.74 -30.74 6.94
C ILE B 85 10.20 -31.90 7.82
N ASP B 86 9.53 -33.04 7.67
CA ASP B 86 9.87 -34.23 8.44
C ASP B 86 11.34 -34.56 8.27
N CYS B 87 11.88 -34.23 7.10
CA CYS B 87 13.27 -34.49 6.79
C CYS B 87 14.21 -33.75 7.74
N SER B 88 13.84 -32.53 8.08
CA SER B 88 14.64 -31.74 9.00
C SER B 88 14.68 -32.44 10.37
N PHE B 89 13.52 -32.91 10.82
CA PHE B 89 13.44 -33.60 12.09
C PHE B 89 14.17 -34.94 12.13
N ARG B 90 14.11 -35.68 11.03
CA ARG B 90 14.77 -36.98 10.93
C ARG B 90 16.28 -36.80 10.96
N ALA B 91 16.77 -35.77 10.28
CA ALA B 91 18.20 -35.51 10.20
C ALA B 91 18.79 -34.72 11.35
N PHE B 92 18.00 -33.81 11.91
CA PHE B 92 18.48 -32.95 12.99
C PHE B 92 17.64 -32.94 14.26
N GLY B 93 16.48 -33.58 14.21
CA GLY B 93 15.60 -33.59 15.38
C GLY B 93 14.92 -32.26 15.66
N ARG B 94 15.09 -31.30 14.75
CA ARG B 94 14.50 -29.99 14.93
C ARG B 94 14.44 -29.21 13.61
N CYS B 95 13.67 -28.12 13.62
CA CYS B 95 13.53 -27.24 12.46
C CYS B 95 13.19 -25.87 13.02
N ASP B 96 14.16 -24.96 12.97
CA ASP B 96 13.99 -23.62 13.51
C ASP B 96 13.69 -22.57 12.47
N VAL B 97 14.12 -22.81 11.24
CA VAL B 97 13.93 -21.83 10.19
C VAL B 97 13.51 -22.42 8.85
N LEU B 98 12.49 -21.83 8.25
CA LEU B 98 11.98 -22.23 6.95
C LEU B 98 12.08 -21.05 5.96
N VAL B 99 12.76 -21.25 4.84
CA VAL B 99 12.90 -20.22 3.83
C VAL B 99 12.22 -20.71 2.56
N ASN B 100 11.11 -20.06 2.19
CA ASN B 100 10.38 -20.43 0.98
C ASN B 100 10.92 -19.72 -0.26
N ASN B 101 11.95 -20.31 -0.84
CA ASN B 101 12.64 -19.79 -2.02
C ASN B 101 12.25 -20.44 -3.36
N ALA B 102 11.85 -21.71 -3.34
CA ALA B 102 11.46 -22.41 -4.56
C ALA B 102 10.35 -21.66 -5.30
N SER B 103 10.51 -21.49 -6.61
CA SER B 103 9.51 -20.74 -7.36
C SER B 103 9.56 -20.98 -8.88
N ALA B 104 8.40 -21.28 -9.47
CA ALA B 104 8.32 -21.51 -10.91
C ALA B 104 8.10 -20.13 -11.51
N TYR B 105 8.74 -19.85 -12.64
CA TYR B 105 8.61 -18.54 -13.25
C TYR B 105 8.67 -18.52 -14.79
N TYR B 106 7.55 -18.16 -15.39
CA TYR B 106 7.45 -18.06 -16.85
C TYR B 106 6.12 -17.40 -17.24
N PRO B 107 6.02 -16.90 -18.48
CA PRO B 107 4.80 -16.23 -18.95
C PRO B 107 3.58 -17.11 -19.22
N THR B 108 2.41 -16.51 -19.12
CA THR B 108 1.14 -17.18 -19.36
C THR B 108 0.15 -16.14 -19.90
N PRO B 109 0.47 -15.51 -21.04
CA PRO B 109 -0.38 -14.48 -21.67
C PRO B 109 -1.87 -14.78 -21.72
N LEU B 110 -2.67 -13.78 -21.40
CA LEU B 110 -4.12 -13.91 -21.42
C LEU B 110 -4.62 -14.14 -22.83
N LEU B 111 -4.04 -13.40 -23.78
CA LEU B 111 -4.40 -13.55 -25.17
C LEU B 111 -3.31 -14.37 -25.86
N PRO B 112 -3.71 -15.30 -26.74
CA PRO B 112 -2.77 -16.15 -27.49
C PRO B 112 -1.78 -15.37 -28.36
N LYS B 123 2.39 -25.66 -23.27
CA LYS B 123 1.95 -26.28 -22.03
C LYS B 123 0.58 -25.76 -21.58
N PRO B 124 -0.33 -26.68 -21.20
CA PRO B 124 -1.68 -26.38 -20.75
C PRO B 124 -1.76 -25.32 -19.66
N ILE B 125 -2.80 -24.49 -19.70
CA ILE B 125 -2.99 -23.43 -18.72
C ILE B 125 -3.21 -24.01 -17.32
N ASP B 126 -3.97 -25.10 -17.24
CA ASP B 126 -4.26 -25.78 -15.98
C ASP B 126 -2.96 -26.22 -15.31
N ALA B 127 -2.08 -26.82 -16.10
CA ALA B 127 -0.79 -27.29 -15.61
C ALA B 127 0.08 -26.12 -15.17
N GLN B 128 -0.18 -24.96 -15.76
CA GLN B 128 0.60 -23.77 -15.42
C GLN B 128 0.18 -23.22 -14.07
N VAL B 129 -1.13 -23.14 -13.82
CA VAL B 129 -1.58 -22.64 -12.53
C VAL B 129 -1.18 -23.63 -11.44
N ALA B 130 -1.07 -24.91 -11.81
CA ALA B 130 -0.68 -25.93 -10.85
C ALA B 130 0.77 -25.75 -10.43
N GLU B 131 1.65 -25.55 -11.40
CA GLU B 131 3.07 -25.37 -11.08
C GLU B 131 3.39 -24.00 -10.49
N LEU B 132 2.78 -22.96 -11.04
CA LEU B 132 3.01 -21.59 -10.55
C LEU B 132 2.37 -21.34 -9.20
N PHE B 133 1.13 -21.78 -9.00
CA PHE B 133 0.49 -21.54 -7.71
C PHE B 133 1.00 -22.48 -6.65
N GLY B 134 1.42 -23.66 -7.09
CA GLY B 134 1.94 -24.63 -6.16
C GLY B 134 3.24 -24.18 -5.53
N SER B 135 4.26 -23.94 -6.36
CA SER B 135 5.56 -23.52 -5.84
C SER B 135 5.60 -22.17 -5.14
N ASN B 136 4.94 -21.18 -5.71
CA ASN B 136 4.94 -19.83 -5.16
C ASN B 136 3.93 -19.55 -4.04
N ALA B 137 2.88 -20.34 -3.93
CA ALA B 137 1.88 -20.05 -2.91
C ALA B 137 1.39 -21.18 -2.01
N VAL B 138 0.81 -22.21 -2.62
CA VAL B 138 0.26 -23.34 -1.88
C VAL B 138 1.29 -24.18 -1.13
N ALA B 139 2.43 -24.47 -1.76
CA ALA B 139 3.45 -25.26 -1.10
C ALA B 139 3.87 -24.47 0.14
N PRO B 140 4.23 -23.17 -0.03
CA PRO B 140 4.61 -22.41 1.16
C PRO B 140 3.57 -22.52 2.28
N LEU B 141 2.29 -22.46 1.92
CA LEU B 141 1.23 -22.59 2.93
C LEU B 141 1.25 -23.97 3.59
N PHE B 142 1.47 -25.03 2.82
CA PHE B 142 1.49 -26.36 3.40
C PHE B 142 2.75 -26.55 4.25
N LEU B 143 3.85 -25.95 3.81
CA LEU B 143 5.12 -26.03 4.53
C LEU B 143 5.04 -25.34 5.89
N ILE B 144 4.45 -24.16 5.92
CA ILE B 144 4.33 -23.38 7.16
C ILE B 144 3.44 -24.14 8.13
N ARG B 145 2.32 -24.61 7.61
CA ARG B 145 1.39 -25.38 8.42
C ARG B 145 2.12 -26.55 9.07
N ALA B 146 2.81 -27.35 8.26
CA ALA B 146 3.56 -28.50 8.77
C ALA B 146 4.65 -28.06 9.74
N PHE B 147 5.33 -26.97 9.43
CA PHE B 147 6.38 -26.43 10.29
C PHE B 147 5.83 -25.99 11.64
N ALA B 148 4.70 -25.30 11.63
CA ALA B 148 4.09 -24.84 12.86
C ALA B 148 3.47 -25.97 13.69
N ARG B 149 2.93 -26.97 13.02
CA ARG B 149 2.31 -28.07 13.74
C ARG B 149 3.29 -28.99 14.45
N ARG B 150 4.53 -29.04 13.96
CA ARG B 150 5.52 -29.92 14.58
C ARG B 150 6.40 -29.27 15.63
N GLN B 151 6.09 -28.04 16.00
CA GLN B 151 6.88 -27.32 17.00
C GLN B 151 6.42 -27.65 18.43
N ASN B 161 14.18 -19.39 18.70
CA ASN B 161 13.99 -18.33 17.71
C ASN B 161 13.48 -18.91 16.39
N LEU B 162 12.18 -19.20 16.35
CA LEU B 162 11.55 -19.77 15.17
C LEU B 162 11.06 -18.69 14.19
N SER B 163 11.40 -18.84 12.92
CA SER B 163 10.94 -17.88 11.94
C SER B 163 10.88 -18.44 10.53
N VAL B 164 9.98 -17.86 9.75
CA VAL B 164 9.78 -18.23 8.36
C VAL B 164 10.13 -17.01 7.53
N VAL B 165 10.70 -17.22 6.36
CA VAL B 165 11.02 -16.12 5.48
C VAL B 165 10.61 -16.53 4.08
N ASN B 166 9.63 -15.81 3.53
CA ASN B 166 9.15 -16.10 2.19
C ASN B 166 9.85 -15.16 1.20
N LEU B 167 10.14 -15.67 0.01
CA LEU B 167 10.79 -14.85 -1.01
C LEU B 167 9.76 -14.25 -1.94
N CYS B 168 9.52 -12.94 -1.82
CA CYS B 168 8.55 -12.28 -2.67
C CYS B 168 9.20 -11.65 -3.89
N ASP B 169 8.48 -10.72 -4.52
CA ASP B 169 8.96 -10.02 -5.70
C ASP B 169 8.51 -8.55 -5.63
N ALA B 170 9.45 -7.66 -5.37
CA ALA B 170 9.13 -6.24 -5.26
C ALA B 170 8.36 -5.69 -6.46
N MSE B 171 8.64 -6.23 -7.64
CA MSE B 171 8.00 -5.75 -8.86
C MSE B 171 6.57 -6.18 -9.19
O MSE B 171 6.00 -5.68 -10.16
CB MSE B 171 8.91 -6.08 -10.06
CG MSE B 171 10.28 -5.40 -10.01
SE MSE B 171 10.13 -3.51 -9.60
CE MSE B 171 10.64 -3.59 -7.75
N THR B 172 5.99 -7.10 -8.43
CA THR B 172 4.65 -7.56 -8.73
C THR B 172 3.59 -6.48 -8.61
N ASP B 173 3.97 -5.30 -8.12
CA ASP B 173 3.01 -4.21 -7.98
C ASP B 173 2.89 -3.51 -9.34
N LEU B 174 3.91 -3.69 -10.16
CA LEU B 174 3.92 -3.15 -11.50
C LEU B 174 4.03 -4.42 -12.35
N PRO B 175 2.92 -5.17 -12.46
CA PRO B 175 2.82 -6.42 -13.21
C PRO B 175 3.62 -6.51 -14.51
N LEU B 176 4.45 -7.55 -14.59
CA LEU B 176 5.24 -7.80 -15.78
C LEU B 176 4.24 -8.30 -16.83
N PRO B 177 4.14 -7.62 -17.99
CA PRO B 177 3.19 -8.07 -19.01
C PRO B 177 3.44 -9.52 -19.45
N GLY B 178 2.41 -10.36 -19.33
CA GLY B 178 2.56 -11.75 -19.73
C GLY B 178 2.79 -12.75 -18.60
N PHE B 179 2.98 -12.25 -17.37
CA PHE B 179 3.21 -13.11 -16.22
C PHE B 179 2.05 -13.01 -15.25
N CYS B 180 0.85 -12.98 -15.79
CA CYS B 180 -0.35 -12.88 -14.99
C CYS B 180 -0.45 -13.88 -13.86
N VAL B 181 -0.36 -15.17 -14.17
CA VAL B 181 -0.46 -16.21 -13.15
C VAL B 181 0.63 -16.11 -12.07
N TYR B 182 1.86 -15.86 -12.49
CA TYR B 182 2.96 -15.71 -11.54
C TYR B 182 2.69 -14.54 -10.58
N THR B 183 2.14 -13.45 -11.11
CA THR B 183 1.84 -12.27 -10.30
C THR B 183 0.81 -12.58 -9.22
N MSE B 184 -0.26 -13.28 -9.60
CA MSE B 184 -1.30 -13.68 -8.66
C MSE B 184 -0.68 -14.57 -7.60
O MSE B 184 -0.98 -14.43 -6.42
CB MSE B 184 -2.39 -14.48 -9.36
CG MSE B 184 -3.26 -13.68 -10.31
SE MSE B 184 -4.34 -14.90 -11.36
CE MSE B 184 -5.71 -15.29 -10.07
N ALA B 185 0.17 -15.50 -8.03
CA ALA B 185 0.82 -16.44 -7.11
C ALA B 185 1.60 -15.67 -6.04
N LYS B 186 2.43 -14.73 -6.47
CA LYS B 186 3.22 -13.94 -5.54
C LYS B 186 2.35 -13.05 -4.65
N HIS B 187 1.25 -12.52 -5.18
CA HIS B 187 0.37 -11.71 -4.34
C HIS B 187 -0.20 -12.60 -3.26
N ALA B 188 -0.59 -13.82 -3.62
CA ALA B 188 -1.15 -14.76 -2.66
C ALA B 188 -0.12 -15.06 -1.56
N LEU B 189 1.13 -15.19 -1.95
CA LEU B 189 2.20 -15.45 -0.99
C LEU B 189 2.33 -14.27 -0.01
N GLY B 190 2.12 -13.06 -0.52
CA GLY B 190 2.19 -11.87 0.31
C GLY B 190 1.07 -11.94 1.34
N GLY B 191 -0.09 -12.40 0.92
CA GLY B 191 -1.21 -12.53 1.84
C GLY B 191 -0.92 -13.59 2.88
N LEU B 192 -0.15 -14.60 2.48
CA LEU B 192 0.21 -15.67 3.40
C LEU B 192 1.19 -15.15 4.44
N THR B 193 2.14 -14.32 4.04
CA THR B 193 3.11 -13.78 4.98
C THR B 193 2.41 -13.06 6.14
N ARG B 194 1.44 -12.23 5.82
CA ARG B 194 0.73 -11.50 6.86
C ARG B 194 -0.30 -12.34 7.59
N ALA B 195 -0.99 -13.22 6.88
CA ALA B 195 -2.00 -14.06 7.53
C ALA B 195 -1.30 -14.98 8.53
N ALA B 196 -0.19 -15.58 8.11
CA ALA B 196 0.55 -16.50 8.97
C ALA B 196 1.20 -15.76 10.12
N ALA B 197 1.77 -14.59 9.84
CA ALA B 197 2.39 -13.77 10.87
C ALA B 197 1.45 -13.58 12.05
N LEU B 198 0.20 -13.22 11.76
CA LEU B 198 -0.76 -12.99 12.82
C LEU B 198 -1.21 -14.26 13.58
N GLU B 199 -1.42 -15.36 12.87
CA GLU B 199 -1.85 -16.60 13.53
C GLU B 199 -0.75 -17.33 14.31
N LEU B 200 0.49 -17.11 13.92
CA LEU B 200 1.61 -17.79 14.58
C LEU B 200 2.30 -16.96 15.64
N ALA B 201 1.86 -15.70 15.80
CA ALA B 201 2.45 -14.83 16.80
C ALA B 201 2.34 -15.45 18.20
N PRO B 202 1.19 -16.06 18.53
CA PRO B 202 1.03 -16.68 19.85
C PRO B 202 1.99 -17.85 20.04
N ARG B 203 2.39 -18.46 18.93
CA ARG B 203 3.29 -19.60 18.95
C ARG B 203 4.75 -19.12 18.90
N HIS B 204 4.92 -17.80 18.91
CA HIS B 204 6.26 -17.21 18.86
C HIS B 204 7.00 -17.54 17.56
N ILE B 205 6.25 -17.69 16.48
CA ILE B 205 6.87 -17.96 15.19
C ILE B 205 6.73 -16.73 14.34
N ARG B 206 7.86 -16.14 13.97
CA ARG B 206 7.86 -14.95 13.13
C ARG B 206 7.78 -15.32 11.64
N VAL B 207 6.93 -14.61 10.91
CA VAL B 207 6.79 -14.84 9.47
C VAL B 207 7.07 -13.55 8.73
N ASN B 208 8.13 -13.52 7.93
CA ASN B 208 8.47 -12.32 7.15
C ASN B 208 8.78 -12.64 5.69
N ALA B 209 9.11 -11.62 4.93
CA ALA B 209 9.42 -11.78 3.52
C ALA B 209 10.52 -10.86 3.07
N VAL B 210 11.21 -11.28 2.02
CA VAL B 210 12.26 -10.48 1.40
C VAL B 210 11.78 -10.41 -0.02
N ALA B 211 11.75 -9.20 -0.56
CA ALA B 211 11.29 -8.97 -1.91
C ALA B 211 12.36 -8.37 -2.81
N PRO B 212 13.01 -9.20 -3.62
CA PRO B 212 14.04 -8.69 -4.51
C PRO B 212 13.36 -7.95 -5.66
N GLY B 213 14.11 -7.08 -6.31
CA GLY B 213 13.58 -6.37 -7.46
C GLY B 213 14.18 -7.07 -8.67
N LEU B 214 15.42 -6.70 -8.97
CA LEU B 214 16.17 -7.30 -10.06
C LEU B 214 17.41 -7.96 -9.47
N SER B 215 17.44 -9.28 -9.48
CA SER B 215 18.61 -9.97 -8.96
C SER B 215 19.25 -10.80 -10.07
N LEU B 216 19.60 -12.04 -9.78
CA LEU B 216 20.25 -12.87 -10.78
C LEU B 216 19.41 -13.06 -12.04
N LEU B 217 19.91 -12.55 -13.15
CA LEU B 217 19.22 -12.64 -14.44
C LEU B 217 19.21 -14.08 -14.99
N PRO B 218 18.26 -14.40 -15.89
CA PRO B 218 18.22 -15.75 -16.45
C PRO B 218 19.55 -16.07 -17.13
N PRO B 219 20.14 -17.24 -16.85
CA PRO B 219 21.42 -17.63 -17.45
C PRO B 219 21.48 -17.65 -18.97
N ALA B 220 20.36 -18.00 -19.61
CA ALA B 220 20.32 -18.04 -21.07
C ALA B 220 20.22 -16.65 -21.73
N MSE B 221 19.65 -15.69 -21.00
CA MSE B 221 19.48 -14.33 -21.50
C MSE B 221 20.77 -13.71 -22.04
O MSE B 221 21.79 -13.67 -21.36
CB MSE B 221 18.92 -13.43 -20.38
CG MSE B 221 18.67 -11.99 -20.81
SE MSE B 221 17.86 -10.85 -19.45
CE MSE B 221 16.02 -11.30 -19.75
N PRO B 222 20.72 -13.22 -23.29
CA PRO B 222 21.88 -12.60 -23.97
C PRO B 222 22.37 -11.33 -23.26
N GLN B 223 23.68 -11.23 -23.11
CA GLN B 223 24.30 -10.09 -22.43
C GLN B 223 23.72 -8.72 -22.74
N GLU B 224 23.51 -8.40 -24.01
CA GLU B 224 22.97 -7.09 -24.35
C GLU B 224 21.60 -6.85 -23.72
N THR B 225 20.80 -7.91 -23.57
CA THR B 225 19.48 -7.78 -22.96
C THR B 225 19.66 -7.56 -21.46
N GLN B 226 20.56 -8.35 -20.87
CA GLN B 226 20.85 -8.26 -19.46
C GLN B 226 21.31 -6.85 -19.13
N GLU B 227 22.10 -6.26 -20.02
CA GLU B 227 22.62 -4.91 -19.81
C GLU B 227 21.52 -3.85 -19.89
N GLU B 228 20.46 -4.13 -20.63
CA GLU B 228 19.37 -3.19 -20.76
C GLU B 228 18.53 -3.23 -19.47
N TYR B 229 18.57 -4.37 -18.80
CA TYR B 229 17.86 -4.54 -17.54
C TYR B 229 18.61 -3.86 -16.40
N ARG B 230 19.92 -4.08 -16.32
CA ARG B 230 20.73 -3.48 -15.26
C ARG B 230 20.69 -1.96 -15.28
N ARG B 231 20.73 -1.41 -16.48
CA ARG B 231 20.74 0.03 -16.64
C ARG B 231 19.53 0.70 -16.00
N LYS B 232 18.51 -0.08 -15.70
CA LYS B 232 17.29 0.48 -15.09
C LYS B 232 17.36 0.70 -13.58
N VAL B 233 18.29 0.02 -12.91
CA VAL B 233 18.44 0.15 -11.47
C VAL B 233 19.06 1.49 -11.04
N PRO B 234 18.27 2.33 -10.36
CA PRO B 234 18.73 3.64 -9.90
C PRO B 234 20.02 3.58 -9.08
N LEU B 235 20.08 2.66 -8.14
CA LEU B 235 21.25 2.54 -7.28
C LEU B 235 22.30 1.63 -7.89
N GLY B 236 23.22 2.22 -8.66
CA GLY B 236 24.31 1.45 -9.26
C GLY B 236 24.09 0.75 -10.60
N GLN B 237 22.91 0.90 -11.20
CA GLN B 237 22.62 0.27 -12.48
C GLN B 237 23.10 -1.17 -12.51
N SER B 238 22.87 -1.87 -11.40
CA SER B 238 23.29 -3.26 -11.29
C SER B 238 22.26 -4.08 -10.56
N GLU B 239 22.15 -5.35 -10.93
CA GLU B 239 21.20 -6.24 -10.29
C GLU B 239 21.76 -6.64 -8.94
N ALA B 240 20.89 -7.14 -8.06
CA ALA B 240 21.32 -7.56 -6.73
C ALA B 240 22.02 -8.90 -6.83
N SER B 241 23.17 -9.03 -6.16
CA SER B 241 23.90 -10.29 -6.16
C SER B 241 23.16 -11.22 -5.19
N ALA B 242 23.36 -12.52 -5.34
CA ALA B 242 22.69 -13.46 -4.46
C ALA B 242 23.07 -13.23 -3.00
N ALA B 243 24.31 -12.79 -2.77
CA ALA B 243 24.78 -12.55 -1.42
C ALA B 243 24.05 -11.40 -0.75
N GLN B 244 23.73 -10.35 -1.50
CA GLN B 244 23.00 -9.21 -0.95
C GLN B 244 21.61 -9.64 -0.53
N ILE B 245 21.02 -10.57 -1.25
CA ILE B 245 19.70 -11.07 -0.90
C ILE B 245 19.82 -11.97 0.34
N ALA B 246 20.88 -12.77 0.38
CA ALA B 246 21.13 -13.65 1.52
C ALA B 246 21.27 -12.82 2.79
N ASP B 247 21.99 -11.70 2.67
CA ASP B 247 22.20 -10.76 3.79
C ASP B 247 20.88 -10.36 4.47
N ALA B 248 19.88 -10.00 3.67
CA ALA B 248 18.60 -9.58 4.18
C ALA B 248 17.91 -10.72 4.90
N ILE B 249 17.98 -11.92 4.32
CA ILE B 249 17.35 -13.07 4.94
C ILE B 249 18.03 -13.38 6.25
N ALA B 250 19.36 -13.26 6.26
CA ALA B 250 20.16 -13.54 7.44
C ALA B 250 19.74 -12.62 8.57
N PHE B 251 19.49 -11.36 8.23
CA PHE B 251 19.07 -10.39 9.22
C PHE B 251 17.73 -10.79 9.82
N LEU B 252 16.77 -11.15 8.98
CA LEU B 252 15.43 -11.52 9.46
C LEU B 252 15.36 -12.80 10.30
N VAL B 253 16.32 -13.70 10.15
CA VAL B 253 16.29 -14.92 10.94
C VAL B 253 17.03 -14.70 12.26
N SER B 254 17.91 -13.70 12.26
CA SER B 254 18.70 -13.39 13.44
C SER B 254 17.89 -12.81 14.59
N LYS B 255 18.52 -12.77 15.76
CA LYS B 255 17.91 -12.25 16.97
C LYS B 255 17.76 -10.73 16.88
N ASP B 256 18.44 -10.13 15.91
CA ASP B 256 18.39 -8.69 15.70
C ASP B 256 17.07 -8.26 15.07
N ALA B 257 16.17 -9.22 14.85
CA ALA B 257 14.88 -8.97 14.24
C ALA B 257 13.80 -9.66 15.07
N GLY B 258 14.13 -9.97 16.32
CA GLY B 258 13.20 -10.64 17.20
C GLY B 258 11.81 -10.03 17.38
N TYR B 259 11.64 -8.77 17.00
CA TYR B 259 10.35 -8.10 17.16
C TYR B 259 9.70 -7.87 15.80
N ILE B 260 10.34 -8.39 14.76
CA ILE B 260 9.85 -8.22 13.41
C ILE B 260 9.08 -9.43 12.89
N THR B 261 7.82 -9.23 12.58
CA THR B 261 7.03 -10.32 12.04
C THR B 261 5.97 -9.69 11.14
N GLY B 262 5.65 -10.38 10.06
CA GLY B 262 4.64 -9.90 9.14
C GLY B 262 5.09 -8.75 8.27
N THR B 263 6.39 -8.47 8.25
CA THR B 263 6.87 -7.40 7.40
C THR B 263 7.63 -7.93 6.19
N THR B 264 7.56 -7.16 5.11
CA THR B 264 8.23 -7.50 3.87
C THR B 264 9.39 -6.52 3.72
N LEU B 265 10.59 -7.07 3.54
CA LEU B 265 11.76 -6.23 3.38
C LEU B 265 12.12 -6.20 1.89
N LYS B 266 11.97 -5.02 1.29
CA LYS B 266 12.27 -4.82 -0.12
C LYS B 266 13.77 -4.62 -0.33
N VAL B 267 14.33 -5.29 -1.32
CA VAL B 267 15.75 -5.19 -1.65
C VAL B 267 15.82 -5.02 -3.17
N ASP B 268 15.52 -3.81 -3.66
CA ASP B 268 15.50 -3.55 -5.10
C ASP B 268 16.30 -2.39 -5.65
N GLY B 269 17.22 -1.83 -4.87
CA GLY B 269 18.03 -0.73 -5.35
C GLY B 269 17.25 0.44 -5.92
N GLY B 270 16.03 0.64 -5.45
CA GLY B 270 15.21 1.75 -5.92
C GLY B 270 14.44 1.52 -7.21
N LEU B 271 14.57 0.32 -7.78
CA LEU B 271 13.89 -0.02 -9.03
C LEU B 271 12.37 0.20 -9.04
N ILE B 272 11.70 -0.16 -7.95
CA ILE B 272 10.26 0.00 -7.88
C ILE B 272 9.84 1.48 -7.88
N LEU B 273 10.79 2.37 -7.54
CA LEU B 273 10.52 3.80 -7.48
C LEU B 273 10.62 4.50 -8.84
N ALA B 274 11.19 3.82 -9.84
CA ALA B 274 11.36 4.38 -11.18
C ALA B 274 10.06 4.55 -11.94
N ARG B 275 9.86 5.74 -12.49
CA ARG B 275 8.67 6.06 -13.25
C ARG B 275 8.82 5.66 -14.70
N ALA B 276 7.79 5.05 -15.27
CA ALA B 276 7.84 4.62 -16.66
C ALA B 276 7.59 5.81 -17.60
N CYS C 11 -31.39 23.68 -1.50
CA CYS C 11 -30.19 23.51 -2.39
C CYS C 11 -28.87 23.56 -1.61
N PRO C 12 -28.05 22.51 -1.76
CA PRO C 12 -26.74 22.37 -1.12
C PRO C 12 -25.70 23.30 -1.70
N ALA C 13 -24.66 23.59 -0.93
CA ALA C 13 -23.58 24.47 -1.36
C ALA C 13 -22.22 23.78 -1.37
N ALA C 14 -21.39 24.13 -2.35
CA ALA C 14 -20.07 23.52 -2.50
C ALA C 14 -18.94 24.54 -2.68
N VAL C 15 -17.84 24.33 -1.97
CA VAL C 15 -16.68 25.19 -2.08
C VAL C 15 -15.65 24.44 -2.91
N ILE C 16 -15.17 25.07 -3.98
CA ILE C 16 -14.15 24.45 -4.82
C ILE C 16 -12.94 25.39 -4.80
N THR C 17 -11.83 24.96 -4.19
CA THR C 17 -10.64 25.81 -4.15
C THR C 17 -9.92 25.71 -5.50
N GLY C 18 -9.35 26.83 -5.94
CA GLY C 18 -8.66 26.84 -7.22
C GLY C 18 -9.62 26.40 -8.31
N GLY C 19 -10.86 26.88 -8.22
CA GLY C 19 -11.87 26.48 -9.18
C GLY C 19 -12.11 27.36 -10.39
N ALA C 20 -11.20 28.29 -10.68
CA ALA C 20 -11.39 29.19 -11.81
C ALA C 20 -11.06 28.58 -13.17
N ARG C 21 -10.07 27.70 -13.23
CA ARG C 21 -9.69 27.09 -14.49
C ARG C 21 -9.39 25.62 -14.39
N ARG C 22 -9.06 25.04 -15.55
CA ARG C 22 -8.70 23.64 -15.64
C ARG C 22 -9.61 22.66 -14.88
N ILE C 23 -9.01 21.69 -14.19
CA ILE C 23 -9.83 20.71 -13.49
C ILE C 23 -10.81 21.33 -12.48
N GLY C 24 -10.36 22.33 -11.73
CA GLY C 24 -11.24 22.98 -10.77
C GLY C 24 -12.47 23.56 -11.45
N HIS C 25 -12.26 24.14 -12.62
CA HIS C 25 -13.33 24.74 -13.41
C HIS C 25 -14.38 23.69 -13.78
N SER C 26 -13.90 22.55 -14.25
CA SER C 26 -14.76 21.44 -14.66
C SER C 26 -15.58 20.89 -13.49
N ILE C 27 -15.00 20.90 -12.31
CA ILE C 27 -15.68 20.42 -11.12
C ILE C 27 -16.78 21.39 -10.71
N ALA C 28 -16.48 22.68 -10.80
CA ALA C 28 -17.46 23.70 -10.43
C ALA C 28 -18.72 23.60 -11.31
N VAL C 29 -18.51 23.36 -12.60
CA VAL C 29 -19.60 23.24 -13.56
C VAL C 29 -20.43 21.96 -13.36
N ARG C 30 -19.76 20.84 -13.09
CA ARG C 30 -20.45 19.57 -12.90
C ARG C 30 -21.37 19.64 -11.68
N LEU C 31 -20.82 20.10 -10.57
CA LEU C 31 -21.57 20.21 -9.34
C LEU C 31 -22.71 21.21 -9.48
N HIS C 32 -22.50 22.22 -10.31
CA HIS C 32 -23.53 23.23 -10.51
C HIS C 32 -24.68 22.64 -11.33
N GLN C 33 -24.33 21.88 -12.37
CA GLN C 33 -25.32 21.24 -13.22
C GLN C 33 -26.12 20.24 -12.41
N GLN C 34 -25.73 20.05 -11.16
CA GLN C 34 -26.42 19.09 -10.31
C GLN C 34 -27.20 19.72 -9.17
N GLY C 35 -27.39 21.03 -9.22
CA GLY C 35 -28.17 21.71 -8.19
C GLY C 35 -27.33 22.41 -7.15
N PHE C 36 -26.04 22.14 -7.16
CA PHE C 36 -25.12 22.73 -6.21
C PHE C 36 -24.86 24.21 -6.41
N ARG C 37 -24.81 24.92 -5.30
CA ARG C 37 -24.50 26.35 -5.35
C ARG C 37 -23.04 26.40 -4.99
N VAL C 38 -22.25 26.82 -5.97
CA VAL C 38 -20.80 26.88 -5.80
C VAL C 38 -20.10 28.18 -5.35
N VAL C 39 -19.02 28.01 -4.58
CA VAL C 39 -18.21 29.11 -4.20
C VAL C 39 -16.93 28.92 -4.93
N VAL C 40 -16.66 29.78 -5.89
CA VAL C 40 -15.48 29.62 -6.72
C VAL C 40 -14.33 30.39 -6.10
N HIS C 41 -13.37 29.66 -5.56
CA HIS C 41 -12.23 30.30 -4.94
C HIS C 41 -11.06 30.38 -5.92
N TYR C 42 -10.21 31.38 -5.74
CA TYR C 42 -9.07 31.57 -6.61
C TYR C 42 -8.03 32.47 -5.95
N ARG C 43 -6.87 32.57 -6.58
CA ARG C 43 -5.80 33.38 -6.08
C ARG C 43 -5.42 34.45 -7.08
N HIS C 44 -4.99 34.05 -8.29
CA HIS C 44 -4.60 34.97 -9.34
C HIS C 44 -5.59 35.02 -10.49
N SER C 45 -6.30 33.92 -10.72
CA SER C 45 -7.24 33.86 -11.83
C SER C 45 -8.56 34.58 -11.61
N GLU C 46 -8.46 35.84 -11.25
CA GLU C 46 -9.63 36.68 -11.01
C GLU C 46 -10.56 36.79 -12.23
N GLY C 47 -10.00 37.05 -13.40
CA GLY C 47 -10.82 37.15 -14.59
C GLY C 47 -11.59 35.86 -14.85
N ALA C 48 -10.85 34.74 -14.91
CA ALA C 48 -11.48 33.44 -15.15
C ALA C 48 -12.58 33.14 -14.14
N ALA C 49 -12.36 33.51 -12.89
CA ALA C 49 -13.34 33.30 -11.83
C ALA C 49 -14.61 34.11 -12.06
N GLN C 50 -14.45 35.37 -12.47
CA GLN C 50 -15.59 36.26 -12.74
C GLN C 50 -16.41 35.76 -13.92
N ARG C 51 -15.73 35.30 -14.97
CA ARG C 51 -16.45 34.80 -16.12
C ARG C 51 -17.22 33.55 -15.72
N LEU C 52 -16.56 32.62 -15.03
CA LEU C 52 -17.23 31.40 -14.60
C LEU C 52 -18.44 31.71 -13.72
N VAL C 53 -18.26 32.56 -12.71
CA VAL C 53 -19.35 32.91 -11.82
C VAL C 53 -20.52 33.53 -12.59
N ALA C 54 -20.23 34.45 -13.50
CA ALA C 54 -21.28 35.08 -14.30
C ALA C 54 -22.02 34.04 -15.12
N GLU C 55 -21.26 33.18 -15.80
CA GLU C 55 -21.82 32.12 -16.63
C GLU C 55 -22.73 31.17 -15.85
N LEU C 56 -22.43 30.94 -14.58
CA LEU C 56 -23.23 30.04 -13.74
C LEU C 56 -24.46 30.75 -13.18
N ASN C 57 -24.32 32.02 -12.86
CA ASN C 57 -25.44 32.80 -12.33
C ASN C 57 -26.43 33.07 -13.44
N ALA C 58 -25.94 33.10 -14.68
CA ALA C 58 -26.79 33.33 -15.83
C ALA C 58 -27.79 32.19 -15.94
N ALA C 59 -27.32 30.97 -15.66
CA ALA C 59 -28.16 29.79 -15.72
C ALA C 59 -29.05 29.68 -14.49
N ARG C 60 -28.58 30.25 -13.39
CA ARG C 60 -29.32 30.25 -12.13
C ARG C 60 -28.85 31.42 -11.29
N ALA C 61 -29.69 32.43 -11.16
CA ALA C 61 -29.33 33.61 -10.38
C ALA C 61 -28.94 33.23 -8.96
N GLY C 62 -27.95 33.94 -8.44
CA GLY C 62 -27.46 33.70 -7.09
C GLY C 62 -27.00 32.28 -6.78
N SER C 63 -26.53 31.54 -7.78
CA SER C 63 -26.09 30.17 -7.55
C SER C 63 -24.56 30.05 -7.54
N ALA C 64 -23.88 31.19 -7.56
CA ALA C 64 -22.42 31.21 -7.57
C ALA C 64 -21.83 32.49 -6.97
N VAL C 65 -20.73 32.34 -6.24
CA VAL C 65 -20.07 33.49 -5.65
C VAL C 65 -18.56 33.31 -5.76
N LEU C 66 -17.84 34.42 -5.70
CA LEU C 66 -16.39 34.43 -5.83
C LEU C 66 -15.70 34.54 -4.47
N CYS C 67 -14.44 34.12 -4.39
CA CYS C 67 -13.69 34.21 -3.14
C CYS C 67 -12.18 34.08 -3.37
N LYS C 68 -11.45 35.17 -3.16
CA LYS C 68 -10.00 35.22 -3.38
C LYS C 68 -9.21 34.89 -2.11
N GLY C 69 -8.15 34.10 -2.26
CA GLY C 69 -7.33 33.78 -1.10
C GLY C 69 -6.10 32.94 -1.40
N ASP C 70 -4.96 33.36 -0.85
CA ASP C 70 -3.71 32.64 -1.03
C ASP C 70 -3.62 31.53 0.03
N LEU C 71 -3.28 30.32 -0.39
CA LEU C 71 -3.21 29.21 0.55
C LEU C 71 -1.79 28.81 0.95
N SER C 72 -0.84 29.70 0.72
CA SER C 72 0.55 29.46 1.08
C SER C 72 0.67 29.54 2.60
N LEU C 73 1.70 28.90 3.15
CA LEU C 73 1.90 28.95 4.60
C LEU C 73 2.11 30.42 4.98
N SER C 74 1.48 30.86 6.07
CA SER C 74 1.57 32.24 6.51
C SER C 74 0.92 32.42 7.88
N SER C 75 1.04 33.62 8.43
CA SER C 75 0.44 33.96 9.72
C SER C 75 -1.05 34.22 9.49
N SER C 76 -1.43 34.44 8.23
CA SER C 76 -2.83 34.71 7.87
C SER C 76 -3.59 33.48 7.37
N LEU C 77 -2.87 32.45 6.97
CA LEU C 77 -3.48 31.25 6.41
C LEU C 77 -4.71 30.75 7.15
N LEU C 78 -4.58 30.55 8.45
CA LEU C 78 -5.68 30.07 9.27
C LEU C 78 -6.93 30.95 9.14
N ASP C 79 -6.74 32.26 9.25
CA ASP C 79 -7.88 33.17 9.13
C ASP C 79 -8.44 33.09 7.72
N CYS C 80 -7.55 33.07 6.72
CA CYS C 80 -8.00 33.00 5.34
C CYS C 80 -8.92 31.79 5.13
N CYS C 81 -8.49 30.63 5.59
CA CYS C 81 -9.27 29.40 5.44
C CYS C 81 -10.63 29.50 6.15
N GLU C 82 -10.67 30.21 7.27
CA GLU C 82 -11.92 30.39 8.00
C GLU C 82 -12.89 31.21 7.15
N ASP C 83 -12.39 32.28 6.53
CA ASP C 83 -13.20 33.16 5.69
C ASP C 83 -13.69 32.46 4.43
N ILE C 84 -12.84 31.61 3.86
CA ILE C 84 -13.22 30.92 2.64
C ILE C 84 -14.46 30.05 2.91
N ILE C 85 -14.50 29.36 4.05
CA ILE C 85 -15.65 28.53 4.40
C ILE C 85 -16.82 29.44 4.79
N ASP C 86 -16.51 30.48 5.55
CA ASP C 86 -17.53 31.45 5.98
C ASP C 86 -18.23 32.06 4.79
N CYS C 87 -17.49 32.21 3.69
CA CYS C 87 -18.04 32.78 2.46
C CYS C 87 -19.25 31.99 1.99
N SER C 88 -19.13 30.67 2.03
CA SER C 88 -20.24 29.82 1.60
C SER C 88 -21.48 30.01 2.48
N PHE C 89 -21.25 30.24 3.77
CA PHE C 89 -22.35 30.44 4.70
C PHE C 89 -23.00 31.81 4.51
N ARG C 90 -22.16 32.83 4.32
CA ARG C 90 -22.66 34.18 4.10
C ARG C 90 -23.59 34.20 2.89
N ALA C 91 -23.10 33.64 1.78
CA ALA C 91 -23.84 33.61 0.53
C ALA C 91 -24.96 32.57 0.40
N PHE C 92 -24.81 31.42 1.06
CA PHE C 92 -25.83 30.39 0.94
C PHE C 92 -26.41 29.88 2.26
N GLY C 93 -25.85 30.33 3.37
CA GLY C 93 -26.35 29.87 4.65
C GLY C 93 -26.06 28.40 4.92
N ARG C 94 -25.11 27.82 4.18
CA ARG C 94 -24.73 26.41 4.33
C ARG C 94 -23.53 26.01 3.48
N CYS C 95 -22.96 24.85 3.79
CA CYS C 95 -21.81 24.32 3.07
C CYS C 95 -21.84 22.81 3.22
N ASP C 96 -22.17 22.10 2.14
CA ASP C 96 -22.26 20.65 2.20
C ASP C 96 -21.08 19.92 1.59
N VAL C 97 -20.37 20.55 0.67
CA VAL C 97 -19.25 19.91 0.02
C VAL C 97 -18.03 20.81 -0.14
N LEU C 98 -16.86 20.28 0.22
CA LEU C 98 -15.59 20.99 0.09
C LEU C 98 -14.68 20.19 -0.85
N VAL C 99 -14.23 20.80 -1.94
CA VAL C 99 -13.35 20.12 -2.87
C VAL C 99 -12.00 20.83 -2.82
N ASN C 100 -11.01 20.15 -2.24
CA ASN C 100 -9.67 20.72 -2.12
C ASN C 100 -8.89 20.42 -3.39
N ASN C 101 -9.06 21.29 -4.38
CA ASN C 101 -8.43 21.19 -5.70
C ASN C 101 -7.17 22.06 -5.85
N ALA C 102 -7.16 23.22 -5.20
CA ALA C 102 -6.03 24.13 -5.29
C ALA C 102 -4.71 23.44 -4.98
N SER C 103 -3.71 23.66 -5.83
CA SER C 103 -2.43 22.99 -5.67
C SER C 103 -1.27 23.58 -6.48
N ALA C 104 -0.21 23.96 -5.77
CA ALA C 104 0.96 24.52 -6.43
C ALA C 104 1.75 23.34 -6.95
N TYR C 105 2.41 23.53 -8.08
CA TYR C 105 3.15 22.43 -8.67
C TYR C 105 4.40 22.80 -9.46
N TYR C 106 5.57 22.42 -8.95
CA TYR C 106 6.82 22.73 -9.65
C TYR C 106 7.98 22.07 -8.94
N PRO C 107 9.10 21.88 -9.64
CA PRO C 107 10.30 21.26 -9.06
C PRO C 107 11.04 22.01 -7.95
N THR C 108 11.67 21.23 -7.07
CA THR C 108 12.47 21.71 -5.95
C THR C 108 13.62 20.70 -5.81
N PRO C 109 14.51 20.62 -6.80
CA PRO C 109 15.66 19.69 -6.78
C PRO C 109 16.58 19.77 -5.57
N LEU C 110 16.83 18.63 -4.93
CA LEU C 110 17.70 18.53 -3.76
C LEU C 110 19.10 19.03 -4.04
N LEU C 111 19.64 18.66 -5.21
CA LEU C 111 20.97 19.12 -5.59
C LEU C 111 20.82 20.27 -6.58
N PRO C 112 21.63 21.32 -6.42
CA PRO C 112 21.57 22.48 -7.32
C PRO C 112 21.92 22.15 -8.78
N LYS C 123 13.63 31.21 -6.91
CA LYS C 123 12.70 31.33 -5.78
C LYS C 123 13.18 30.55 -4.56
N PRO C 124 13.34 31.24 -3.41
CA PRO C 124 13.80 30.64 -2.15
C PRO C 124 13.11 29.33 -1.80
N ILE C 125 13.89 28.39 -1.26
CA ILE C 125 13.36 27.09 -0.88
C ILE C 125 12.25 27.28 0.16
N ASP C 126 12.48 28.16 1.12
CA ASP C 126 11.50 28.42 2.17
C ASP C 126 10.18 28.92 1.60
N ALA C 127 10.23 29.75 0.57
CA ALA C 127 9.01 30.25 -0.05
C ALA C 127 8.37 29.12 -0.85
N GLN C 128 9.18 28.21 -1.36
CA GLN C 128 8.64 27.09 -2.14
C GLN C 128 7.91 26.09 -1.23
N VAL C 129 8.48 25.82 -0.07
CA VAL C 129 7.83 24.88 0.82
C VAL C 129 6.56 25.50 1.39
N ALA C 130 6.56 26.81 1.57
CA ALA C 130 5.38 27.50 2.10
C ALA C 130 4.21 27.40 1.13
N GLU C 131 4.51 27.56 -0.15
CA GLU C 131 3.47 27.48 -1.16
C GLU C 131 3.03 26.07 -1.50
N LEU C 132 3.98 25.13 -1.61
CA LEU C 132 3.63 23.76 -1.94
C LEU C 132 2.92 23.06 -0.77
N PHE C 133 3.43 23.23 0.44
CA PHE C 133 2.84 22.60 1.62
C PHE C 133 1.56 23.32 2.04
N GLY C 134 1.51 24.62 1.79
CA GLY C 134 0.33 25.38 2.14
C GLY C 134 -0.87 24.97 1.31
N SER C 135 -0.75 25.06 -0.01
CA SER C 135 -1.85 24.72 -0.89
C SER C 135 -2.22 23.25 -0.99
N ASN C 136 -1.21 22.37 -0.99
CA ASN C 136 -1.44 20.93 -1.09
C ASN C 136 -1.80 20.20 0.20
N ALA C 137 -1.47 20.78 1.35
CA ALA C 137 -1.72 20.08 2.60
C ALA C 137 -2.30 20.86 3.78
N VAL C 138 -1.59 21.88 4.21
CA VAL C 138 -2.02 22.65 5.37
C VAL C 138 -3.35 23.38 5.16
N ALA C 139 -3.51 24.04 4.02
CA ALA C 139 -4.75 24.75 3.76
C ALA C 139 -5.91 23.75 3.84
N PRO C 140 -5.83 22.64 3.07
CA PRO C 140 -6.88 21.63 3.11
C PRO C 140 -7.24 21.24 4.55
N LEU C 141 -6.22 21.05 5.37
CA LEU C 141 -6.43 20.73 6.78
C LEU C 141 -7.25 21.82 7.50
N PHE C 142 -6.82 23.07 7.39
CA PHE C 142 -7.54 24.17 8.04
C PHE C 142 -8.95 24.31 7.45
N LEU C 143 -9.08 24.05 6.16
CA LEU C 143 -10.36 24.12 5.47
C LEU C 143 -11.29 23.04 6.00
N ILE C 144 -10.78 21.81 6.07
CA ILE C 144 -11.60 20.70 6.56
C ILE C 144 -12.00 20.99 7.99
N ARG C 145 -11.04 21.44 8.79
CA ARG C 145 -11.29 21.78 10.17
C ARG C 145 -12.41 22.81 10.29
N ALA C 146 -12.31 23.91 9.53
CA ALA C 146 -13.33 24.95 9.54
C ALA C 146 -14.68 24.41 9.06
N PHE C 147 -14.65 23.61 8.01
CA PHE C 147 -15.85 23.01 7.43
C PHE C 147 -16.58 22.17 8.48
N ALA C 148 -15.84 21.36 9.22
CA ALA C 148 -16.45 20.53 10.23
C ALA C 148 -17.05 21.30 11.42
N ARG C 149 -16.28 22.23 11.97
CA ARG C 149 -16.75 22.99 13.13
C ARG C 149 -17.96 23.88 12.90
N ARG C 150 -18.26 24.21 11.65
CA ARG C 150 -19.41 25.05 11.37
C ARG C 150 -20.68 24.29 11.00
N GLN C 151 -20.59 22.97 10.98
CA GLN C 151 -21.74 22.13 10.66
C GLN C 151 -22.65 22.02 11.88
N ASN C 161 -26.04 15.22 3.32
CA ASN C 161 -24.94 14.45 2.74
C ASN C 161 -23.66 15.29 2.63
N LEU C 162 -23.00 15.47 3.75
CA LEU C 162 -21.78 16.24 3.81
C LEU C 162 -20.57 15.39 3.43
N SER C 163 -19.68 15.96 2.62
CA SER C 163 -18.47 15.25 2.23
C SER C 163 -17.37 16.18 1.72
N VAL C 164 -16.14 15.71 1.88
CA VAL C 164 -14.97 16.45 1.45
C VAL C 164 -14.26 15.61 0.38
N VAL C 165 -13.76 16.24 -0.66
CA VAL C 165 -13.03 15.51 -1.68
C VAL C 165 -11.72 16.24 -1.93
N ASN C 166 -10.62 15.52 -1.72
CA ASN C 166 -9.28 16.04 -1.89
C ASN C 166 -8.74 15.56 -3.22
N LEU C 167 -8.00 16.42 -3.90
CA LEU C 167 -7.40 16.02 -5.16
C LEU C 167 -5.98 15.55 -4.86
N CYS C 168 -5.77 14.25 -5.01
CA CYS C 168 -4.47 13.66 -4.76
C CYS C 168 -3.76 13.46 -6.09
N ASP C 169 -2.72 12.63 -6.10
CA ASP C 169 -1.94 12.38 -7.30
C ASP C 169 -1.51 10.90 -7.28
N ALA C 170 -2.02 10.13 -8.23
CA ALA C 170 -1.73 8.70 -8.32
C ALA C 170 -0.26 8.37 -8.59
N MSE C 171 0.46 9.28 -9.24
CA MSE C 171 1.85 9.04 -9.56
C MSE C 171 2.88 9.39 -8.47
O MSE C 171 4.08 9.18 -8.67
CB MSE C 171 2.22 9.78 -10.84
CG MSE C 171 1.44 9.28 -12.05
SE MSE C 171 1.47 7.34 -12.23
CE MSE C 171 -0.34 6.99 -11.66
N THR C 172 2.43 9.92 -7.34
CA THR C 172 3.34 10.29 -6.27
C THR C 172 4.04 9.09 -5.63
N ASP C 173 3.62 7.89 -5.99
CA ASP C 173 4.24 6.70 -5.43
C ASP C 173 5.50 6.37 -6.23
N LEU C 174 5.63 7.00 -7.39
CA LEU C 174 6.77 6.90 -8.22
C LEU C 174 7.26 8.29 -8.33
N PRO C 175 7.78 8.83 -7.27
CA PRO C 175 8.30 10.20 -7.14
C PRO C 175 8.87 10.73 -8.46
N LEU C 176 8.33 11.84 -8.92
CA LEU C 176 8.79 12.48 -10.16
C LEU C 176 10.10 13.16 -9.73
N PRO C 177 11.23 12.73 -10.30
CA PRO C 177 12.54 13.29 -9.96
C PRO C 177 12.55 14.82 -9.97
N GLY C 178 12.91 15.43 -8.85
CA GLY C 178 12.94 16.88 -8.78
C GLY C 178 11.74 17.54 -8.12
N PHE C 179 10.67 16.78 -7.89
CA PHE C 179 9.46 17.33 -7.27
C PHE C 179 9.29 16.81 -5.83
N CYS C 180 10.41 16.74 -5.13
CA CYS C 180 10.46 16.26 -3.77
C CYS C 180 9.50 16.93 -2.79
N VAL C 181 9.51 18.25 -2.72
CA VAL C 181 8.62 18.91 -1.78
C VAL C 181 7.15 18.69 -2.15
N TYR C 182 6.85 18.81 -3.44
CA TYR C 182 5.48 18.61 -3.94
C TYR C 182 4.99 17.22 -3.55
N THR C 183 5.87 16.23 -3.73
CA THR C 183 5.54 14.84 -3.42
C THR C 183 5.21 14.64 -1.95
N MSE C 184 6.03 15.21 -1.08
CA MSE C 184 5.78 15.12 0.36
C MSE C 184 4.41 15.71 0.68
O MSE C 184 3.63 15.13 1.43
CB MSE C 184 6.84 15.90 1.14
CG MSE C 184 8.23 15.32 1.07
SE MSE C 184 9.44 16.61 1.86
CE MSE C 184 8.87 16.43 3.69
N ALA C 185 4.14 16.87 0.08
CA ALA C 185 2.86 17.55 0.33
C ALA C 185 1.67 16.67 0.00
N LYS C 186 1.69 16.03 -1.16
CA LYS C 186 0.59 15.14 -1.56
C LYS C 186 0.48 13.94 -0.63
N HIS C 187 1.60 13.41 -0.16
CA HIS C 187 1.51 12.29 0.77
C HIS C 187 0.86 12.77 2.05
N ALA C 188 1.19 13.99 2.46
CA ALA C 188 0.58 14.56 3.65
C ALA C 188 -0.92 14.63 3.39
N LEU C 189 -1.30 15.05 2.18
CA LEU C 189 -2.72 15.16 1.82
C LEU C 189 -3.41 13.79 1.88
N GLY C 190 -2.68 12.74 1.51
CA GLY C 190 -3.24 11.41 1.58
C GLY C 190 -3.47 11.03 3.05
N GLY C 191 -2.52 11.39 3.91
CA GLY C 191 -2.67 11.10 5.34
C GLY C 191 -3.85 11.84 5.92
N LEU C 192 -4.07 13.06 5.45
CA LEU C 192 -5.18 13.87 5.92
C LEU C 192 -6.52 13.25 5.54
N THR C 193 -6.56 12.65 4.36
CA THR C 193 -7.79 12.03 3.87
C THR C 193 -8.26 10.92 4.80
N ARG C 194 -7.32 10.07 5.21
CA ARG C 194 -7.65 8.96 6.09
C ARG C 194 -7.87 9.38 7.54
N ALA C 195 -7.09 10.35 8.00
CA ALA C 195 -7.22 10.83 9.37
C ALA C 195 -8.53 11.59 9.54
N ALA C 196 -8.84 12.46 8.59
CA ALA C 196 -10.08 13.22 8.66
C ALA C 196 -11.30 12.29 8.55
N ALA C 197 -11.24 11.35 7.60
CA ALA C 197 -12.33 10.41 7.41
C ALA C 197 -12.67 9.72 8.74
N LEU C 198 -11.66 9.19 9.43
CA LEU C 198 -11.93 8.53 10.69
C LEU C 198 -12.45 9.48 11.78
N GLU C 199 -11.80 10.61 11.98
CA GLU C 199 -12.26 11.55 13.01
C GLU C 199 -13.65 12.13 12.75
N LEU C 200 -13.98 12.35 11.47
CA LEU C 200 -15.26 12.92 11.09
C LEU C 200 -16.42 11.95 10.85
N ALA C 201 -16.17 10.65 10.90
CA ALA C 201 -17.23 9.68 10.67
C ALA C 201 -18.42 9.89 11.63
N PRO C 202 -18.13 10.14 12.91
CA PRO C 202 -19.15 10.37 13.94
C PRO C 202 -19.96 11.64 13.69
N ARG C 203 -19.44 12.52 12.85
CA ARG C 203 -20.10 13.78 12.51
C ARG C 203 -20.85 13.63 11.19
N HIS C 204 -20.83 12.43 10.64
CA HIS C 204 -21.51 12.14 9.39
C HIS C 204 -20.95 12.89 8.20
N ILE C 205 -19.67 13.19 8.25
CA ILE C 205 -19.03 13.88 7.13
C ILE C 205 -18.07 12.89 6.53
N ARG C 206 -18.28 12.57 5.25
CA ARG C 206 -17.40 11.64 4.54
C ARG C 206 -16.21 12.42 3.96
N VAL C 207 -15.06 11.76 3.85
CA VAL C 207 -13.85 12.40 3.33
C VAL C 207 -13.12 11.45 2.40
N ASN C 208 -13.16 11.73 1.09
CA ASN C 208 -12.51 10.88 0.11
C ASN C 208 -11.56 11.68 -0.78
N ALA C 209 -10.92 10.97 -1.70
CA ALA C 209 -9.99 11.59 -2.62
C ALA C 209 -10.07 10.97 -4.00
N VAL C 210 -9.73 11.76 -5.01
CA VAL C 210 -9.67 11.30 -6.40
C VAL C 210 -8.20 11.52 -6.77
N ALA C 211 -7.57 10.53 -7.38
CA ALA C 211 -6.16 10.67 -7.74
C ALA C 211 -5.93 10.53 -9.23
N PRO C 212 -5.81 11.66 -9.93
CA PRO C 212 -5.58 11.58 -11.37
C PRO C 212 -4.16 11.09 -11.59
N GLY C 213 -3.88 10.61 -12.78
CA GLY C 213 -2.53 10.17 -13.10
C GLY C 213 -2.04 11.25 -14.02
N LEU C 214 -2.37 11.13 -15.30
CA LEU C 214 -2.00 12.12 -16.30
C LEU C 214 -3.28 12.75 -16.82
N SER C 215 -3.46 14.03 -16.52
CA SER C 215 -4.63 14.77 -16.97
C SER C 215 -4.15 16.04 -17.66
N LEU C 216 -4.94 17.11 -17.61
CA LEU C 216 -4.58 18.36 -18.29
C LEU C 216 -3.10 18.73 -18.20
N LEU C 217 -2.42 18.71 -19.33
CA LEU C 217 -1.01 19.01 -19.40
C LEU C 217 -0.74 20.52 -19.30
N PRO C 218 0.53 20.90 -19.04
CA PRO C 218 0.85 22.33 -18.94
C PRO C 218 0.60 22.96 -20.30
N PRO C 219 -0.19 24.03 -20.35
CA PRO C 219 -0.50 24.71 -21.61
C PRO C 219 0.74 25.11 -22.42
N ALA C 220 1.81 25.51 -21.73
CA ALA C 220 3.03 25.92 -22.41
C ALA C 220 3.93 24.76 -22.87
N MSE C 221 3.60 23.55 -22.46
CA MSE C 221 4.41 22.39 -22.85
C MSE C 221 4.30 22.15 -24.36
O MSE C 221 3.20 22.05 -24.89
CB MSE C 221 3.98 21.13 -22.08
CG MSE C 221 4.77 19.87 -22.43
SE MSE C 221 4.19 18.27 -21.48
CE MSE C 221 5.24 18.51 -19.87
N PRO C 222 5.44 22.05 -25.05
CA PRO C 222 5.38 21.81 -26.50
C PRO C 222 4.66 20.52 -26.87
N GLN C 223 3.92 20.56 -27.97
CA GLN C 223 3.14 19.42 -28.43
C GLN C 223 3.86 18.08 -28.46
N GLU C 224 5.06 18.03 -29.01
CA GLU C 224 5.76 16.77 -29.07
C GLU C 224 5.95 16.17 -27.68
N THR C 225 6.40 16.98 -26.73
CA THR C 225 6.59 16.50 -25.37
C THR C 225 5.26 15.98 -24.83
N GLN C 226 4.18 16.71 -25.12
CA GLN C 226 2.85 16.31 -24.67
C GLN C 226 2.49 14.96 -25.26
N GLU C 227 2.79 14.78 -26.53
CA GLU C 227 2.49 13.54 -27.21
C GLU C 227 3.29 12.38 -26.61
N GLU C 228 4.52 12.66 -26.17
CA GLU C 228 5.35 11.62 -25.56
C GLU C 228 4.74 11.17 -24.24
N TYR C 229 4.08 12.11 -23.54
CA TYR C 229 3.44 11.79 -22.26
C TYR C 229 2.16 10.97 -22.44
N ARG C 230 1.35 11.33 -23.44
CA ARG C 230 0.10 10.61 -23.69
C ARG C 230 0.37 9.16 -24.10
N ARG C 231 1.47 8.94 -24.80
CA ARG C 231 1.80 7.61 -25.26
C ARG C 231 2.00 6.62 -24.10
N LYS C 232 2.37 7.15 -22.94
CA LYS C 232 2.62 6.33 -21.77
C LYS C 232 1.37 5.77 -21.11
N VAL C 233 0.20 6.27 -21.49
CA VAL C 233 -1.03 5.79 -20.89
C VAL C 233 -1.54 4.51 -21.54
N PRO C 234 -1.61 3.42 -20.76
CA PRO C 234 -2.07 2.12 -21.26
C PRO C 234 -3.47 2.14 -21.87
N LEU C 235 -4.40 2.82 -21.19
CA LEU C 235 -5.77 2.89 -21.65
C LEU C 235 -6.06 4.06 -22.59
N GLY C 236 -5.81 3.87 -23.87
CA GLY C 236 -6.10 4.91 -24.86
C GLY C 236 -4.99 5.86 -25.24
N GLN C 237 -3.81 5.72 -24.63
CA GLN C 237 -2.69 6.61 -24.94
C GLN C 237 -3.18 8.05 -24.96
N SER C 238 -4.02 8.37 -24.00
CA SER C 238 -4.60 9.71 -23.88
C SER C 238 -4.61 10.13 -22.42
N GLU C 239 -4.64 11.43 -22.18
CA GLU C 239 -4.68 11.92 -20.81
C GLU C 239 -6.14 12.00 -20.40
N ALA C 240 -6.38 12.06 -19.09
CA ALA C 240 -7.73 12.17 -18.57
C ALA C 240 -8.27 13.57 -18.87
N SER C 241 -9.52 13.66 -19.31
CA SER C 241 -10.10 14.97 -19.58
C SER C 241 -10.62 15.51 -18.25
N ALA C 242 -10.72 16.83 -18.15
CA ALA C 242 -11.22 17.43 -16.92
C ALA C 242 -12.60 16.85 -16.57
N ALA C 243 -13.37 16.53 -17.60
CA ALA C 243 -14.71 15.99 -17.40
C ALA C 243 -14.69 14.61 -16.76
N GLN C 244 -13.70 13.80 -17.11
CA GLN C 244 -13.58 12.46 -16.55
C GLN C 244 -13.16 12.55 -15.08
N ILE C 245 -12.34 13.53 -14.75
CA ILE C 245 -11.93 13.70 -13.35
C ILE C 245 -13.16 14.18 -12.58
N ALA C 246 -13.93 15.09 -13.19
CA ALA C 246 -15.12 15.64 -12.55
C ALA C 246 -16.22 14.58 -12.34
N ASP C 247 -16.27 13.58 -13.22
CA ASP C 247 -17.26 12.51 -13.10
C ASP C 247 -16.98 11.72 -11.82
N ALA C 248 -15.71 11.43 -11.57
CA ALA C 248 -15.33 10.67 -10.37
C ALA C 248 -15.71 11.48 -9.13
N ILE C 249 -15.44 12.78 -9.18
CA ILE C 249 -15.74 13.67 -8.07
C ILE C 249 -17.22 13.75 -7.77
N ALA C 250 -18.03 13.79 -8.83
CA ALA C 250 -19.48 13.88 -8.72
C ALA C 250 -20.03 12.62 -8.05
N PHE C 251 -19.41 11.48 -8.34
CA PHE C 251 -19.85 10.22 -7.76
C PHE C 251 -19.62 10.15 -6.26
N LEU C 252 -18.45 10.59 -5.81
CA LEU C 252 -18.12 10.55 -4.39
C LEU C 252 -18.90 11.52 -3.54
N VAL C 253 -19.48 12.53 -4.16
CA VAL C 253 -20.26 13.49 -3.40
C VAL C 253 -21.73 13.10 -3.45
N SER C 254 -22.06 12.21 -4.39
CA SER C 254 -23.44 11.76 -4.54
C SER C 254 -23.85 10.83 -3.41
N LYS C 255 -25.12 10.47 -3.38
CA LYS C 255 -25.64 9.57 -2.37
C LYS C 255 -25.25 8.13 -2.74
N ASP C 256 -24.90 7.92 -4.01
CA ASP C 256 -24.48 6.61 -4.49
C ASP C 256 -23.14 6.20 -3.88
N ALA C 257 -22.56 7.09 -3.06
CA ALA C 257 -21.28 6.80 -2.42
C ALA C 257 -21.42 7.04 -0.92
N GLY C 258 -22.66 7.10 -0.45
CA GLY C 258 -22.95 7.38 0.95
C GLY C 258 -22.28 6.51 2.00
N TYR C 259 -21.75 5.36 1.61
CA TYR C 259 -21.10 4.48 2.58
C TYR C 259 -19.58 4.52 2.35
N ILE C 260 -19.16 5.37 1.43
CA ILE C 260 -17.74 5.48 1.08
C ILE C 260 -17.02 6.64 1.74
N THR C 261 -16.06 6.32 2.60
CA THR C 261 -15.27 7.36 3.25
C THR C 261 -13.86 6.83 3.48
N GLY C 262 -12.89 7.74 3.45
CA GLY C 262 -11.51 7.35 3.66
C GLY C 262 -10.89 6.63 2.47
N THR C 263 -11.56 6.62 1.33
CA THR C 263 -10.99 5.93 0.19
C THR C 263 -10.45 6.88 -0.86
N THR C 264 -9.52 6.36 -1.65
CA THR C 264 -8.92 7.15 -2.71
C THR C 264 -9.27 6.49 -4.03
N LEU C 265 -9.93 7.26 -4.89
CA LEU C 265 -10.33 6.74 -6.18
C LEU C 265 -9.33 7.15 -7.26
N LYS C 266 -8.58 6.16 -7.74
CA LYS C 266 -7.58 6.40 -8.77
C LYS C 266 -8.25 6.46 -10.15
N VAL C 267 -7.91 7.49 -10.92
CA VAL C 267 -8.44 7.70 -12.26
C VAL C 267 -7.22 8.02 -13.11
N ASP C 268 -6.46 6.99 -13.47
CA ASP C 268 -5.22 7.17 -14.22
C ASP C 268 -5.05 6.34 -15.51
N GLY C 269 -6.11 5.63 -15.92
CA GLY C 269 -6.02 4.83 -17.12
C GLY C 269 -4.91 3.80 -17.12
N GLY C 270 -4.63 3.20 -15.96
CA GLY C 270 -3.59 2.19 -15.84
C GLY C 270 -2.17 2.69 -15.90
N LEU C 271 -1.98 4.00 -15.80
CA LEU C 271 -0.65 4.58 -15.87
C LEU C 271 0.28 4.12 -14.75
N ILE C 272 -0.21 4.08 -13.52
CA ILE C 272 0.61 3.66 -12.38
C ILE C 272 1.03 2.20 -12.45
N LEU C 273 0.42 1.44 -13.36
CA LEU C 273 0.74 0.02 -13.52
C LEU C 273 1.89 -0.27 -14.47
N ALA C 274 2.19 0.68 -15.35
CA ALA C 274 3.27 0.53 -16.34
C ALA C 274 4.67 0.44 -15.71
N ARG C 275 5.41 -0.58 -16.10
CA ARG C 275 6.75 -0.82 -15.58
C ARG C 275 7.77 0.04 -16.33
N ALA C 276 8.73 0.58 -15.59
CA ALA C 276 9.78 1.41 -16.19
C ALA C 276 10.80 0.54 -16.92
N CYS D 11 37.41 6.99 10.34
CA CYS D 11 36.15 6.63 11.09
C CYS D 11 34.96 7.44 10.61
N PRO D 12 33.86 6.76 10.25
CA PRO D 12 32.65 7.44 9.78
C PRO D 12 31.94 8.20 10.90
N ALA D 13 31.21 9.23 10.51
CA ALA D 13 30.46 10.06 11.46
C ALA D 13 28.95 10.00 11.17
N ALA D 14 28.16 10.07 12.25
CA ALA D 14 26.71 10.00 12.14
C ALA D 14 26.05 11.10 12.95
N VAL D 15 24.99 11.68 12.39
CA VAL D 15 24.24 12.71 13.08
C VAL D 15 22.96 12.01 13.57
N ILE D 16 22.54 12.30 14.80
CA ILE D 16 21.33 11.71 15.33
C ILE D 16 20.51 12.83 15.96
N THR D 17 19.39 13.18 15.32
CA THR D 17 18.53 14.22 15.85
C THR D 17 17.73 13.64 17.02
N GLY D 18 17.51 14.46 18.05
CA GLY D 18 16.79 14.00 19.22
C GLY D 18 17.45 12.81 19.87
N GLY D 19 18.79 12.79 19.83
CA GLY D 19 19.52 11.65 20.36
C GLY D 19 19.93 11.64 21.82
N ALA D 20 19.42 12.57 22.62
CA ALA D 20 19.78 12.58 24.03
C ALA D 20 19.06 11.53 24.86
N ARG D 21 17.82 11.18 24.48
CA ARG D 21 17.05 10.21 25.26
C ARG D 21 16.29 9.18 24.46
N ARG D 22 15.69 8.23 25.20
CA ARG D 22 14.86 7.19 24.65
C ARG D 22 15.40 6.47 23.43
N ILE D 23 14.64 6.45 22.34
CA ILE D 23 15.08 5.75 21.14
C ILE D 23 16.32 6.38 20.49
N GLY D 24 16.35 7.72 20.42
CA GLY D 24 17.50 8.40 19.83
C GLY D 24 18.77 8.03 20.57
N HIS D 25 18.69 8.04 21.89
CA HIS D 25 19.80 7.69 22.77
C HIS D 25 20.31 6.30 22.43
N SER D 26 19.40 5.34 22.37
CA SER D 26 19.75 3.95 22.06
C SER D 26 20.43 3.85 20.71
N ILE D 27 19.96 4.61 19.74
CA ILE D 27 20.54 4.60 18.40
C ILE D 27 21.96 5.17 18.42
N ALA D 28 22.16 6.28 19.14
CA ALA D 28 23.46 6.91 19.23
C ALA D 28 24.50 5.96 19.85
N VAL D 29 24.10 5.23 20.89
CA VAL D 29 25.00 4.29 21.54
C VAL D 29 25.34 3.10 20.64
N ARG D 30 24.34 2.61 19.93
CA ARG D 30 24.55 1.48 19.04
C ARG D 30 25.53 1.80 17.93
N LEU D 31 25.37 2.97 17.31
CA LEU D 31 26.25 3.37 16.21
C LEU D 31 27.67 3.61 16.70
N HIS D 32 27.78 4.20 17.90
CA HIS D 32 29.09 4.51 18.47
C HIS D 32 29.85 3.21 18.75
N GLN D 33 29.13 2.18 19.19
CA GLN D 33 29.75 0.91 19.52
C GLN D 33 30.24 0.27 18.25
N GLN D 34 29.91 0.88 17.12
CA GLN D 34 30.37 0.33 15.87
C GLN D 34 31.41 1.15 15.15
N GLY D 35 32.07 2.06 15.86
CA GLY D 35 33.14 2.84 15.25
C GLY D 35 32.67 4.23 14.84
N PHE D 36 31.37 4.46 14.87
CA PHE D 36 30.79 5.75 14.50
C PHE D 36 31.05 6.91 15.46
N ARG D 37 31.37 8.05 14.87
CA ARG D 37 31.58 9.25 15.68
C ARG D 37 30.28 9.99 15.54
N VAL D 38 29.56 10.07 16.66
CA VAL D 38 28.19 10.55 16.58
C VAL D 38 28.07 12.02 17.00
N VAL D 39 27.19 12.76 16.31
CA VAL D 39 26.78 14.07 16.81
C VAL D 39 25.40 13.96 17.47
N VAL D 40 25.36 14.20 18.79
CA VAL D 40 24.07 14.15 19.47
C VAL D 40 23.35 15.48 19.38
N HIS D 41 22.26 15.54 18.61
CA HIS D 41 21.43 16.74 18.57
C HIS D 41 20.32 16.65 19.64
N TYR D 42 19.97 17.80 20.22
CA TYR D 42 18.91 17.87 21.22
C TYR D 42 18.31 19.27 21.18
N ARG D 43 17.18 19.46 21.85
CA ARG D 43 16.54 20.77 21.89
C ARG D 43 16.43 21.22 23.35
N HIS D 44 15.73 20.43 24.17
CA HIS D 44 15.53 20.74 25.58
C HIS D 44 16.31 19.84 26.52
N SER D 45 16.64 18.63 26.07
CA SER D 45 17.34 17.69 26.92
C SER D 45 18.83 17.89 26.95
N GLU D 46 19.23 19.08 27.39
CA GLU D 46 20.63 19.48 27.49
C GLU D 46 21.45 18.64 28.47
N GLY D 47 20.89 18.39 29.65
CA GLY D 47 21.62 17.59 30.63
C GLY D 47 21.86 16.17 30.12
N ALA D 48 20.82 15.55 29.60
CA ALA D 48 20.94 14.18 29.11
C ALA D 48 21.96 14.08 27.98
N ALA D 49 22.00 15.10 27.13
CA ALA D 49 22.91 15.13 26.00
C ALA D 49 24.36 15.19 26.46
N GLN D 50 24.62 16.04 27.46
CA GLN D 50 25.96 16.18 28.00
C GLN D 50 26.42 14.88 28.64
N ARG D 51 25.53 14.24 29.41
CA ARG D 51 25.87 12.99 30.05
C ARG D 51 26.13 11.90 29.03
N LEU D 52 25.46 11.96 27.88
CA LEU D 52 25.66 10.95 26.85
C LEU D 52 26.98 11.13 26.10
N VAL D 53 27.28 12.38 25.76
CA VAL D 53 28.51 12.71 25.05
C VAL D 53 29.72 12.39 25.93
N ALA D 54 29.69 12.90 27.16
CA ALA D 54 30.78 12.67 28.11
C ALA D 54 30.99 11.17 28.23
N GLU D 55 29.90 10.45 28.42
CA GLU D 55 29.95 9.00 28.55
C GLU D 55 30.56 8.37 27.31
N LEU D 56 30.25 8.90 26.14
CA LEU D 56 30.79 8.35 24.89
C LEU D 56 32.25 8.73 24.65
N ASN D 57 32.62 9.95 24.97
CA ASN D 57 34.00 10.37 24.77
C ASN D 57 34.89 9.59 25.73
N ALA D 58 34.37 9.37 26.93
CA ALA D 58 35.11 8.63 27.94
C ALA D 58 35.59 7.31 27.34
N ALA D 59 34.76 6.71 26.49
CA ALA D 59 35.09 5.44 25.84
C ALA D 59 36.04 5.62 24.66
N ARG D 60 36.02 6.80 24.05
CA ARG D 60 36.88 7.13 22.92
C ARG D 60 36.93 8.64 22.80
N ALA D 61 38.03 9.23 23.24
CA ALA D 61 38.19 10.68 23.18
C ALA D 61 37.79 11.21 21.81
N GLY D 62 37.19 12.40 21.80
CA GLY D 62 36.77 13.01 20.56
C GLY D 62 35.90 12.15 19.64
N SER D 63 35.04 11.32 20.21
CA SER D 63 34.17 10.48 19.39
C SER D 63 32.73 11.00 19.40
N ALA D 64 32.45 11.97 20.26
CA ALA D 64 31.11 12.53 20.38
C ALA D 64 31.10 14.04 20.60
N VAL D 65 30.10 14.69 20.03
CA VAL D 65 29.94 16.14 20.19
C VAL D 65 28.46 16.43 20.34
N LEU D 66 28.17 17.63 20.82
CA LEU D 66 26.79 18.06 21.07
C LEU D 66 26.32 19.09 20.06
N CYS D 67 25.00 19.26 19.95
CA CYS D 67 24.43 20.25 19.02
C CYS D 67 22.96 20.53 19.35
N LYS D 68 22.68 21.77 19.74
CA LYS D 68 21.33 22.18 20.10
C LYS D 68 20.61 22.88 18.95
N GLY D 69 19.32 22.64 18.82
CA GLY D 69 18.56 23.28 17.76
C GLY D 69 17.11 22.90 17.70
N ASP D 70 16.24 23.89 17.59
CA ASP D 70 14.81 23.67 17.50
C ASP D 70 14.52 23.35 16.02
N LEU D 71 13.74 22.31 15.76
CA LEU D 71 13.44 21.94 14.37
C LEU D 71 12.03 22.28 13.89
N SER D 72 11.38 23.24 14.56
CA SER D 72 10.04 23.66 14.18
C SER D 72 10.11 24.58 12.96
N LEU D 73 9.01 24.69 12.23
CA LEU D 73 8.95 25.58 11.08
C LEU D 73 9.19 27.01 11.56
N SER D 74 10.10 27.73 10.90
CA SER D 74 10.41 29.11 11.23
C SER D 74 11.37 29.65 10.18
N SER D 75 11.69 30.93 10.32
CA SER D 75 12.59 31.59 9.37
C SER D 75 13.99 31.03 9.54
N SER D 76 14.30 30.55 10.74
CA SER D 76 15.62 30.03 11.09
C SER D 76 15.86 28.56 10.79
N LEU D 77 14.78 27.80 10.60
CA LEU D 77 14.92 26.37 10.35
C LEU D 77 15.97 25.98 9.29
N LEU D 78 15.92 26.62 8.13
CA LEU D 78 16.88 26.32 7.06
C LEU D 78 18.33 26.53 7.51
N ASP D 79 18.60 27.66 8.15
CA ASP D 79 19.96 27.91 8.60
C ASP D 79 20.34 26.93 9.71
N CYS D 80 19.40 26.63 10.58
CA CYS D 80 19.63 25.70 11.69
C CYS D 80 20.02 24.31 11.19
N CYS D 81 19.32 23.81 10.19
CA CYS D 81 19.62 22.48 9.67
C CYS D 81 20.97 22.44 8.98
N GLU D 82 21.40 23.58 8.41
CA GLU D 82 22.69 23.65 7.76
C GLU D 82 23.77 23.46 8.82
N ASP D 83 23.65 24.19 9.91
CA ASP D 83 24.62 24.15 10.99
C ASP D 83 24.70 22.78 11.66
N ILE D 84 23.54 22.16 11.85
CA ILE D 84 23.51 20.85 12.47
C ILE D 84 24.35 19.86 11.65
N ILE D 85 24.29 19.95 10.33
CA ILE D 85 25.08 19.07 9.48
C ILE D 85 26.54 19.56 9.50
N ASP D 86 26.70 20.88 9.47
CA ASP D 86 28.02 21.49 9.50
C ASP D 86 28.78 21.07 10.76
N CYS D 87 28.05 20.86 11.85
CA CYS D 87 28.64 20.45 13.11
C CYS D 87 29.42 19.15 12.93
N SER D 88 28.85 18.22 12.17
CA SER D 88 29.51 16.95 11.92
C SER D 88 30.83 17.17 11.18
N PHE D 89 30.83 18.11 10.25
CA PHE D 89 32.04 18.39 9.48
C PHE D 89 33.08 19.16 10.28
N ARG D 90 32.64 20.13 11.07
CA ARG D 90 33.60 20.88 11.88
C ARG D 90 34.30 19.91 12.83
N ALA D 91 33.52 19.05 13.47
CA ALA D 91 34.05 18.10 14.45
C ALA D 91 34.77 16.88 13.91
N PHE D 92 34.29 16.32 12.81
CA PHE D 92 34.91 15.10 12.28
C PHE D 92 35.38 15.16 10.85
N GLY D 93 35.14 16.28 10.18
CA GLY D 93 35.55 16.42 8.80
C GLY D 93 34.76 15.55 7.84
N ARG D 94 33.64 15.01 8.30
CA ARG D 94 32.82 14.15 7.47
C ARG D 94 31.47 13.82 8.12
N CYS D 95 30.55 13.32 7.31
CA CYS D 95 29.24 12.93 7.77
C CYS D 95 28.80 11.84 6.82
N ASP D 96 28.65 10.62 7.34
CA ASP D 96 28.30 9.49 6.48
C ASP D 96 26.87 9.00 6.70
N VAL D 97 26.36 9.23 7.91
CA VAL D 97 25.03 8.77 8.25
C VAL D 97 24.20 9.84 8.91
N LEU D 98 22.92 9.89 8.54
CA LEU D 98 21.98 10.84 9.12
C LEU D 98 20.76 10.05 9.59
N VAL D 99 20.39 10.23 10.85
CA VAL D 99 19.23 9.56 11.40
C VAL D 99 18.25 10.64 11.87
N ASN D 100 17.14 10.76 11.15
CA ASN D 100 16.09 11.73 11.49
C ASN D 100 15.16 11.06 12.49
N ASN D 101 15.48 11.27 13.75
CA ASN D 101 14.75 10.70 14.86
C ASN D 101 13.86 11.71 15.57
N ALA D 102 14.33 12.95 15.71
CA ALA D 102 13.59 14.00 16.41
C ALA D 102 12.15 14.07 15.94
N SER D 103 11.22 14.20 16.88
CA SER D 103 9.82 14.21 16.52
C SER D 103 8.89 14.73 17.62
N ALA D 104 8.02 15.67 17.27
CA ALA D 104 7.05 16.21 18.22
C ALA D 104 5.87 15.25 18.11
N TYR D 105 5.14 15.05 19.20
CA TYR D 105 4.00 14.13 19.20
C TYR D 105 2.96 14.46 20.26
N TYR D 106 1.80 14.96 19.82
CA TYR D 106 0.70 15.29 20.72
C TYR D 106 -0.58 15.49 19.93
N PRO D 107 -1.74 15.38 20.58
CA PRO D 107 -3.01 15.55 19.86
C PRO D 107 -3.35 16.95 19.32
N THR D 108 -4.12 16.95 18.25
CA THR D 108 -4.59 18.16 17.58
C THR D 108 -5.98 17.82 17.01
N PRO D 109 -6.96 17.58 17.90
CA PRO D 109 -8.31 17.22 17.48
C PRO D 109 -8.99 18.21 16.53
N LEU D 110 -9.65 17.69 15.49
CA LEU D 110 -10.35 18.53 14.52
C LEU D 110 -11.51 19.25 15.16
N LEU D 111 -12.29 18.53 15.97
CA LEU D 111 -13.42 19.15 16.65
C LEU D 111 -13.02 19.52 18.08
N PRO D 112 -13.42 20.72 18.56
CA PRO D 112 -13.06 21.13 19.91
C PRO D 112 -13.68 20.21 20.97
N LYS D 123 -2.48 25.67 22.98
CA LYS D 123 -1.50 26.08 21.98
C LYS D 123 -2.15 26.24 20.60
N PRO D 124 -1.90 27.40 19.95
CA PRO D 124 -2.43 27.74 18.61
C PRO D 124 -2.19 26.66 17.56
N ILE D 125 -3.21 26.37 16.77
CA ILE D 125 -3.10 25.36 15.73
C ILE D 125 -1.93 25.66 14.78
N ASP D 126 -1.71 26.94 14.49
CA ASP D 126 -0.62 27.35 13.60
C ASP D 126 0.71 26.89 14.19
N ALA D 127 0.92 27.19 15.46
CA ALA D 127 2.13 26.81 16.14
C ALA D 127 2.25 25.29 16.27
N GLN D 128 1.11 24.60 16.22
CA GLN D 128 1.18 23.15 16.33
C GLN D 128 1.67 22.57 15.02
N VAL D 129 1.16 23.07 13.90
CA VAL D 129 1.62 22.56 12.62
C VAL D 129 3.09 22.95 12.43
N ALA D 130 3.49 24.08 12.99
CA ALA D 130 4.88 24.51 12.87
C ALA D 130 5.78 23.49 13.56
N GLU D 131 5.42 23.08 14.75
CA GLU D 131 6.25 22.12 15.46
C GLU D 131 6.15 20.66 15.02
N LEU D 132 4.94 20.22 14.68
CA LEU D 132 4.71 18.84 14.25
C LEU D 132 5.26 18.59 12.84
N PHE D 133 5.03 19.54 11.92
CA PHE D 133 5.52 19.41 10.55
C PHE D 133 7.00 19.72 10.41
N GLY D 134 7.50 20.60 11.25
CA GLY D 134 8.91 20.92 11.18
C GLY D 134 9.79 19.76 11.61
N SER D 135 9.58 19.24 12.81
CA SER D 135 10.39 18.14 13.32
C SER D 135 10.22 16.79 12.60
N ASN D 136 8.99 16.48 12.19
CA ASN D 136 8.73 15.19 11.53
C ASN D 136 8.90 15.18 10.02
N ALA D 137 8.79 16.34 9.38
CA ALA D 137 8.91 16.34 7.94
C ALA D 137 9.82 17.39 7.30
N VAL D 138 9.64 18.65 7.67
CA VAL D 138 10.44 19.66 7.02
C VAL D 138 11.92 19.71 7.41
N ALA D 139 12.24 19.53 8.69
CA ALA D 139 13.64 19.56 9.08
C ALA D 139 14.35 18.40 8.39
N PRO D 140 13.77 17.18 8.45
CA PRO D 140 14.40 16.03 7.80
C PRO D 140 14.75 16.36 6.34
N LEU D 141 13.83 17.04 5.66
CA LEU D 141 14.04 17.44 4.27
C LEU D 141 15.27 18.36 4.18
N PHE D 142 15.28 19.45 4.97
CA PHE D 142 16.40 20.38 4.97
C PHE D 142 17.70 19.68 5.38
N LEU D 143 17.61 18.75 6.34
CA LEU D 143 18.80 18.01 6.78
C LEU D 143 19.31 17.15 5.64
N ILE D 144 18.43 16.39 5.02
CA ILE D 144 18.85 15.54 3.92
C ILE D 144 19.47 16.40 2.81
N ARG D 145 18.82 17.53 2.52
CA ARG D 145 19.29 18.44 1.48
C ARG D 145 20.71 18.94 1.75
N ALA D 146 20.99 19.28 3.02
CA ALA D 146 22.31 19.76 3.41
C ALA D 146 23.34 18.63 3.40
N PHE D 147 22.92 17.49 3.93
CA PHE D 147 23.77 16.32 3.99
C PHE D 147 24.25 15.94 2.61
N ALA D 148 23.35 15.90 1.64
CA ALA D 148 23.70 15.55 0.26
C ALA D 148 24.58 16.58 -0.45
N ARG D 149 24.30 17.86 -0.23
CA ARG D 149 25.07 18.90 -0.88
C ARG D 149 26.50 19.06 -0.38
N ARG D 150 26.77 18.56 0.82
CA ARG D 150 28.11 18.68 1.36
C ARG D 150 28.97 17.45 1.21
N GLN D 151 28.47 16.46 0.48
CA GLN D 151 29.22 15.23 0.25
C GLN D 151 30.25 15.43 -0.85
N ASN D 161 30.04 4.57 2.46
CA ASN D 161 28.70 4.01 2.67
C ASN D 161 27.81 5.08 3.27
N LEU D 162 27.32 5.96 2.42
CA LEU D 162 26.46 7.06 2.87
C LEU D 162 25.00 6.62 2.91
N SER D 163 24.32 6.92 4.00
CA SER D 163 22.91 6.56 4.09
C SER D 163 22.16 7.41 5.09
N VAL D 164 20.86 7.53 4.84
CA VAL D 164 19.98 8.28 5.70
C VAL D 164 18.94 7.30 6.21
N VAL D 165 18.49 7.48 7.44
CA VAL D 165 17.43 6.62 7.96
C VAL D 165 16.44 7.52 8.67
N ASN D 166 15.17 7.42 8.28
CA ASN D 166 14.11 8.23 8.88
C ASN D 166 13.27 7.38 9.84
N LEU D 167 12.86 7.96 10.95
CA LEU D 167 12.02 7.24 11.89
C LEU D 167 10.58 7.52 11.51
N CYS D 168 9.91 6.50 10.97
CA CYS D 168 8.53 6.62 10.57
C CYS D 168 7.68 6.05 11.70
N ASP D 169 6.41 5.77 11.39
CA ASP D 169 5.46 5.21 12.35
C ASP D 169 4.58 4.20 11.62
N ALA D 170 4.66 2.94 12.01
CA ALA D 170 3.87 1.91 11.34
C ALA D 170 2.36 2.04 11.51
N MSE D 171 1.93 2.66 12.60
CA MSE D 171 0.51 2.81 12.86
C MSE D 171 -0.21 3.96 12.18
O MSE D 171 -1.42 4.07 12.29
CB MSE D 171 0.28 2.90 14.38
CG MSE D 171 0.68 1.64 15.13
SE MSE D 171 0.00 0.03 14.27
CE MSE D 171 1.64 -0.55 13.45
N THR D 172 0.52 4.79 11.43
CA THR D 172 -0.11 5.93 10.77
C THR D 172 -1.09 5.58 9.65
N ASP D 173 -1.19 4.30 9.32
CA ASP D 173 -2.14 3.87 8.29
C ASP D 173 -3.51 3.63 8.96
N LEU D 174 -3.48 3.53 10.28
CA LEU D 174 -4.67 3.34 11.09
C LEU D 174 -4.62 4.55 12.04
N PRO D 175 -4.84 5.74 11.50
CA PRO D 175 -4.82 7.03 12.19
C PRO D 175 -5.32 7.04 13.63
N LEU D 176 -4.43 7.40 14.53
CA LEU D 176 -4.77 7.49 15.93
C LEU D 176 -5.70 8.71 16.05
N PRO D 177 -6.97 8.50 16.42
CA PRO D 177 -7.92 9.62 16.55
C PRO D 177 -7.35 10.79 17.34
N GLY D 178 -7.48 11.99 16.81
CA GLY D 178 -6.98 13.17 17.49
C GLY D 178 -5.55 13.58 17.12
N PHE D 179 -4.84 12.78 16.34
CA PHE D 179 -3.45 13.10 15.96
C PHE D 179 -3.29 13.38 14.47
N CYS D 180 -4.31 14.01 13.91
CA CYS D 180 -4.36 14.34 12.51
C CYS D 180 -3.10 14.98 11.93
N VAL D 181 -2.64 16.06 12.56
CA VAL D 181 -1.47 16.75 12.08
C VAL D 181 -0.20 15.91 12.19
N TYR D 182 -0.07 15.15 13.28
CA TYR D 182 1.09 14.29 13.46
C TYR D 182 1.10 13.26 12.33
N THR D 183 -0.06 12.69 12.07
CA THR D 183 -0.22 11.67 11.05
C THR D 183 0.15 12.16 9.66
N MSE D 184 -0.29 13.38 9.32
CA MSE D 184 0.03 14.00 8.04
C MSE D 184 1.54 14.18 7.93
O MSE D 184 2.12 13.97 6.87
CB MSE D 184 -0.60 15.39 7.94
CG MSE D 184 -2.10 15.37 7.77
SE MSE D 184 -2.75 17.17 7.87
CE MSE D 184 -1.99 17.84 6.22
N ALA D 185 2.17 14.56 9.03
CA ALA D 185 3.62 14.78 9.04
C ALA D 185 4.37 13.50 8.74
N LYS D 186 4.01 12.44 9.44
CA LYS D 186 4.65 11.16 9.21
C LYS D 186 4.43 10.71 7.76
N HIS D 187 3.25 10.97 7.20
CA HIS D 187 3.03 10.58 5.79
C HIS D 187 3.94 11.38 4.87
N ALA D 188 4.15 12.66 5.18
CA ALA D 188 5.04 13.48 4.39
C ALA D 188 6.44 12.87 4.47
N LEU D 189 6.83 12.44 5.67
CA LEU D 189 8.14 11.83 5.87
C LEU D 189 8.33 10.57 5.00
N GLY D 190 7.31 9.74 4.90
CA GLY D 190 7.44 8.55 4.07
C GLY D 190 7.61 8.96 2.61
N GLY D 191 6.91 10.02 2.23
CA GLY D 191 7.01 10.54 0.89
C GLY D 191 8.43 11.00 0.63
N LEU D 192 9.03 11.65 1.62
CA LEU D 192 10.40 12.13 1.51
C LEU D 192 11.36 10.95 1.39
N THR D 193 11.06 9.87 2.10
CA THR D 193 11.95 8.71 2.07
C THR D 193 12.06 8.14 0.67
N ARG D 194 10.96 8.11 -0.05
CA ARG D 194 10.97 7.58 -1.40
C ARG D 194 11.44 8.55 -2.48
N ALA D 195 11.12 9.84 -2.33
CA ALA D 195 11.57 10.84 -3.30
C ALA D 195 13.09 11.03 -3.21
N ALA D 196 13.59 11.17 -1.98
CA ALA D 196 15.01 11.33 -1.75
C ALA D 196 15.82 10.10 -2.17
N ALA D 197 15.31 8.91 -1.88
CA ALA D 197 16.02 7.70 -2.27
C ALA D 197 16.31 7.68 -3.77
N LEU D 198 15.31 8.04 -4.57
CA LEU D 198 15.43 8.07 -6.02
C LEU D 198 16.35 9.20 -6.51
N GLU D 199 16.18 10.40 -5.98
CA GLU D 199 17.03 11.53 -6.40
C GLU D 199 18.49 11.39 -5.96
N LEU D 200 18.72 10.69 -4.86
CA LEU D 200 20.07 10.51 -4.33
C LEU D 200 20.79 9.21 -4.74
N ALA D 201 20.08 8.29 -5.40
CA ALA D 201 20.71 7.03 -5.82
C ALA D 201 21.96 7.31 -6.65
N PRO D 202 21.87 8.23 -7.63
CA PRO D 202 23.00 8.60 -8.50
C PRO D 202 24.19 9.15 -7.69
N ARG D 203 23.90 9.67 -6.51
CA ARG D 203 24.91 10.23 -5.62
C ARG D 203 25.37 9.20 -4.60
N HIS D 204 24.96 7.95 -4.81
CA HIS D 204 25.33 6.84 -3.93
C HIS D 204 24.95 7.01 -2.45
N ILE D 205 23.80 7.62 -2.18
CA ILE D 205 23.34 7.80 -0.82
C ILE D 205 22.04 7.02 -0.72
N ARG D 206 21.97 6.09 0.23
CA ARG D 206 20.76 5.31 0.41
C ARG D 206 19.86 6.04 1.40
N VAL D 207 18.54 5.96 1.20
CA VAL D 207 17.60 6.62 2.09
C VAL D 207 16.50 5.61 2.43
N ASN D 208 16.42 5.22 3.69
CA ASN D 208 15.42 4.25 4.12
C ASN D 208 14.72 4.75 5.38
N ALA D 209 13.83 3.93 5.89
CA ALA D 209 13.11 4.29 7.10
C ALA D 209 12.88 3.06 7.94
N VAL D 210 12.76 3.27 9.23
CA VAL D 210 12.45 2.21 10.17
C VAL D 210 11.13 2.67 10.79
N ALA D 211 10.13 1.80 10.80
CA ALA D 211 8.83 2.17 11.34
C ALA D 211 8.42 1.39 12.58
N PRO D 212 8.58 2.00 13.77
CA PRO D 212 8.19 1.31 14.99
C PRO D 212 6.66 1.26 15.06
N GLY D 213 6.12 0.33 15.84
CA GLY D 213 4.69 0.24 16.01
C GLY D 213 4.39 0.76 17.42
N LEU D 214 4.66 -0.04 18.44
CA LEU D 214 4.48 0.40 19.81
C LEU D 214 5.83 0.22 20.46
N SER D 215 6.51 1.31 20.76
CA SER D 215 7.81 1.20 21.40
C SER D 215 7.75 1.88 22.77
N LEU D 216 8.78 2.63 23.17
CA LEU D 216 8.80 3.28 24.48
C LEU D 216 7.56 4.16 24.75
N LEU D 217 6.79 3.73 25.74
CA LEU D 217 5.57 4.42 26.12
C LEU D 217 5.88 5.69 26.88
N PRO D 218 4.96 6.67 26.86
CA PRO D 218 5.14 7.96 27.56
C PRO D 218 5.43 7.65 29.03
N PRO D 219 6.51 8.20 29.59
CA PRO D 219 6.87 7.95 30.99
C PRO D 219 5.76 8.28 32.00
N ALA D 220 4.97 9.32 31.74
CA ALA D 220 3.90 9.72 32.64
C ALA D 220 2.60 8.94 32.49
N MSE D 221 2.51 8.10 31.46
CA MSE D 221 1.29 7.31 31.28
C MSE D 221 1.17 6.29 32.42
O MSE D 221 2.12 5.58 32.73
CB MSE D 221 1.32 6.60 29.93
CG MSE D 221 0.09 5.79 29.66
SE MSE D 221 0.23 4.84 27.97
CE MSE D 221 -0.23 6.32 26.82
N PRO D 222 0.01 6.23 33.08
CA PRO D 222 -0.17 5.27 34.18
C PRO D 222 0.06 3.82 33.75
N GLN D 223 0.66 3.04 34.63
CA GLN D 223 0.96 1.65 34.32
C GLN D 223 -0.21 0.86 33.77
N GLU D 224 -1.39 1.02 34.35
CA GLU D 224 -2.54 0.27 33.87
C GLU D 224 -2.89 0.57 32.42
N THR D 225 -2.80 1.84 32.04
CA THR D 225 -3.07 2.23 30.66
C THR D 225 -1.98 1.63 29.80
N GLN D 226 -0.75 1.67 30.29
CA GLN D 226 0.39 1.11 29.56
C GLN D 226 0.19 -0.39 29.32
N GLU D 227 -0.36 -1.06 30.31
CA GLU D 227 -0.60 -2.49 30.21
C GLU D 227 -1.67 -2.79 29.17
N GLU D 228 -2.66 -1.91 29.04
CA GLU D 228 -3.71 -2.11 28.05
C GLU D 228 -3.16 -1.98 26.63
N TYR D 229 -2.16 -1.12 26.46
CA TYR D 229 -1.51 -0.92 25.16
C TYR D 229 -0.66 -2.13 24.76
N ARG D 230 0.15 -2.62 25.69
CA ARG D 230 1.01 -3.77 25.43
C ARG D 230 0.21 -5.02 25.07
N ARG D 231 -0.91 -5.23 25.76
CA ARG D 231 -1.73 -6.41 25.53
C ARG D 231 -2.20 -6.52 24.08
N LYS D 232 -2.15 -5.42 23.35
CA LYS D 232 -2.59 -5.43 21.96
C LYS D 232 -1.55 -5.96 20.98
N VAL D 233 -0.28 -6.04 21.41
CA VAL D 233 0.77 -6.54 20.52
C VAL D 233 0.73 -8.07 20.34
N PRO D 234 0.46 -8.54 19.11
CA PRO D 234 0.40 -9.98 18.84
C PRO D 234 1.65 -10.76 19.21
N LEU D 235 2.83 -10.22 18.89
CA LEU D 235 4.08 -10.90 19.21
C LEU D 235 4.62 -10.56 20.59
N GLY D 236 4.21 -11.35 21.59
CA GLY D 236 4.68 -11.16 22.95
C GLY D 236 3.96 -10.19 23.86
N GLN D 237 2.94 -9.48 23.38
CA GLN D 237 2.20 -8.52 24.22
C GLN D 237 3.18 -7.56 24.92
N SER D 238 4.17 -7.10 24.18
CA SER D 238 5.18 -6.21 24.72
C SER D 238 5.51 -5.15 23.67
N GLU D 239 5.96 -3.99 24.14
CA GLU D 239 6.33 -2.92 23.23
C GLU D 239 7.77 -3.22 22.82
N ALA D 240 8.23 -2.55 21.76
CA ALA D 240 9.58 -2.78 21.30
C ALA D 240 10.53 -1.99 22.19
N SER D 241 11.68 -2.58 22.51
CA SER D 241 12.65 -1.91 23.34
C SER D 241 13.46 -1.00 22.41
N ALA D 242 14.03 0.06 22.97
CA ALA D 242 14.84 0.98 22.19
C ALA D 242 15.93 0.21 21.45
N ALA D 243 16.42 -0.86 22.07
CA ALA D 243 17.49 -1.65 21.45
C ALA D 243 17.04 -2.43 20.21
N GLN D 244 15.79 -2.88 20.20
CA GLN D 244 15.26 -3.62 19.06
C GLN D 244 15.04 -2.67 17.89
N ILE D 245 14.72 -1.41 18.19
CA ILE D 245 14.55 -0.39 17.14
C ILE D 245 15.96 -0.05 16.62
N ALA D 246 16.90 0.13 17.54
CA ALA D 246 18.28 0.45 17.17
C ALA D 246 18.92 -0.67 16.31
N ASP D 247 18.51 -1.91 16.53
CA ASP D 247 19.04 -3.05 15.75
C ASP D 247 18.72 -2.91 14.26
N ALA D 248 17.44 -2.67 13.96
CA ALA D 248 16.99 -2.50 12.58
C ALA D 248 17.73 -1.35 11.90
N ILE D 249 17.89 -0.26 12.64
CA ILE D 249 18.58 0.91 12.13
C ILE D 249 20.03 0.56 11.84
N ALA D 250 20.68 -0.11 12.78
CA ALA D 250 22.08 -0.51 12.62
C ALA D 250 22.23 -1.39 11.38
N PHE D 251 21.20 -2.18 11.09
CA PHE D 251 21.23 -3.03 9.92
C PHE D 251 21.17 -2.22 8.64
N LEU D 252 20.28 -1.24 8.58
CA LEU D 252 20.12 -0.41 7.38
C LEU D 252 21.31 0.48 7.06
N VAL D 253 22.13 0.79 8.05
CA VAL D 253 23.29 1.62 7.78
C VAL D 253 24.49 0.75 7.45
N SER D 254 24.39 -0.54 7.78
CA SER D 254 25.49 -1.48 7.52
C SER D 254 25.66 -1.81 6.04
N LYS D 255 26.77 -2.45 5.71
CA LYS D 255 27.06 -2.84 4.34
C LYS D 255 26.15 -3.99 3.92
N ASP D 256 25.55 -4.65 4.90
CA ASP D 256 24.65 -5.76 4.62
C ASP D 256 23.35 -5.24 4.00
N ALA D 257 23.23 -3.92 3.89
CA ALA D 257 22.03 -3.30 3.31
C ALA D 257 22.44 -2.43 2.13
N GLY D 258 23.64 -2.65 1.62
CA GLY D 258 24.17 -1.87 0.51
C GLY D 258 23.33 -1.77 -0.75
N TYR D 259 22.34 -2.63 -0.90
CA TYR D 259 21.50 -2.59 -2.09
C TYR D 259 20.10 -2.12 -1.72
N ILE D 260 19.92 -1.78 -0.45
CA ILE D 260 18.61 -1.34 0.03
C ILE D 260 18.46 0.16 0.10
N THR D 261 17.47 0.67 -0.62
CA THR D 261 17.19 2.10 -0.60
C THR D 261 15.73 2.36 -0.89
N GLY D 262 15.15 3.35 -0.22
CA GLY D 262 13.75 3.67 -0.43
C GLY D 262 12.83 2.66 0.24
N THR D 263 13.35 1.87 1.17
CA THR D 263 12.46 0.91 1.81
C THR D 263 12.17 1.29 3.24
N THR D 264 11.00 0.87 3.71
CA THR D 264 10.56 1.13 5.07
C THR D 264 10.53 -0.20 5.82
N LEU D 265 11.35 -0.30 6.86
CA LEU D 265 11.40 -1.50 7.66
C LEU D 265 10.49 -1.36 8.89
N LYS D 266 9.41 -2.11 8.87
CA LYS D 266 8.43 -2.11 9.94
C LYS D 266 8.94 -3.00 11.08
N VAL D 267 8.89 -2.48 12.31
CA VAL D 267 9.32 -3.21 13.50
C VAL D 267 8.21 -3.05 14.52
N ASP D 268 7.12 -3.78 14.33
CA ASP D 268 5.93 -3.65 15.17
C ASP D 268 5.32 -4.92 15.78
N GLY D 269 6.02 -6.03 15.69
CA GLY D 269 5.51 -7.26 16.28
C GLY D 269 4.10 -7.65 15.88
N GLY D 270 3.71 -7.31 14.66
CA GLY D 270 2.40 -7.65 14.15
C GLY D 270 1.25 -6.73 14.52
N LEU D 271 1.54 -5.67 15.27
CA LEU D 271 0.48 -4.74 15.69
C LEU D 271 -0.38 -4.20 14.55
N ILE D 272 0.26 -3.75 13.47
CA ILE D 272 -0.51 -3.19 12.35
C ILE D 272 -1.43 -4.22 11.67
N LEU D 273 -1.22 -5.50 11.95
CA LEU D 273 -2.02 -6.58 11.35
C LEU D 273 -3.29 -6.89 12.14
N ALA D 274 -3.34 -6.49 13.39
CA ALA D 274 -4.48 -6.77 14.25
C ALA D 274 -5.76 -6.03 13.85
N ARG D 275 -6.83 -6.81 13.72
CA ARG D 275 -8.15 -6.34 13.33
C ARG D 275 -8.87 -5.77 14.53
N ALA D 276 -9.50 -4.60 14.37
CA ALA D 276 -10.24 -3.96 15.44
C ALA D 276 -11.50 -4.75 15.81
PA NDP E . -21.84 -15.10 -0.21
O1A NDP E . -23.14 -14.91 0.35
O2A NDP E . -20.76 -15.86 0.53
O5B NDP E . -22.14 -15.78 -1.64
C5B NDP E . -21.13 -16.18 -2.55
C4B NDP E . -22.00 -16.75 -3.67
O4B NDP E . -21.16 -17.51 -4.57
C3B NDP E . -23.16 -17.65 -3.26
O3B NDP E . -24.33 -17.40 -4.07
C2B NDP E . -22.66 -19.04 -3.45
O2B NDP E . -23.51 -20.20 -3.65
C1B NDP E . -21.58 -18.85 -4.47
N9A NDP E . -20.45 -19.78 -4.25
C8A NDP E . -19.75 -20.09 -3.08
N7A NDP E . -18.82 -20.97 -3.30
C5A NDP E . -18.88 -21.28 -4.63
C6A NDP E . -18.17 -22.17 -5.48
N6A NDP E . -17.18 -22.92 -4.99
N1A NDP E . -18.50 -22.23 -6.80
C2A NDP E . -19.51 -21.46 -7.27
N3A NDP E . -20.23 -20.60 -6.55
C4A NDP E . -19.87 -20.56 -5.23
O3 NDP E . -21.19 -13.70 -0.53
PN NDP E . -21.56 -12.18 -0.21
O1N NDP E . -21.62 -12.10 1.24
O2N NDP E . -22.78 -11.87 -1.03
O5D NDP E . -20.33 -11.41 -0.86
C5D NDP E . -20.26 -11.08 -2.29
C4D NDP E . -18.76 -10.71 -2.60
O4D NDP E . -18.37 -9.63 -1.74
C3D NDP E . -17.78 -11.85 -2.30
O3D NDP E . -16.78 -11.96 -3.32
C2D NDP E . -17.22 -11.54 -0.92
O2D NDP E . -15.95 -12.12 -0.75
C1D NDP E . -17.21 -9.98 -0.95
N1N NDP E . -17.31 -9.41 0.45
C2N NDP E . -18.53 -9.57 1.13
C3N NDP E . -18.61 -9.01 2.46
C7N NDP E . -19.85 -9.13 3.24
O7N NDP E . -19.99 -8.66 4.39
N7N NDP E . -20.92 -9.75 2.73
C4N NDP E . -17.49 -8.37 2.99
C5N NDP E . -16.30 -8.22 2.31
C6N NDP E . -16.21 -8.75 1.03
P2B NDP E . -24.96 -20.34 -4.18
O1X NDP E . -25.17 -21.78 -4.09
O2X NDP E . -25.05 -19.85 -5.57
O3X NDP E . -25.91 -19.59 -3.25
N1 MTX F . -19.02 -14.21 2.14
C2 MTX F . -17.89 -14.20 1.39
NA2 MTX F . -17.87 -14.78 0.20
N3 MTX F . -16.83 -13.38 1.75
C4 MTX F . -16.87 -12.55 2.84
NA4 MTX F . -15.83 -11.78 3.15
C4A MTX F . -18.04 -12.54 3.64
N5 MTX F . -18.12 -11.75 4.73
C6 MTX F . -19.24 -11.74 5.56
C7 MTX F . -20.42 -12.60 5.19
N8 MTX F . -20.29 -13.47 3.98
C8A MTX F . -19.14 -13.43 3.24
C9 MTX F . -19.32 -10.81 6.78
N10 MTX F . -18.04 -10.56 7.47
CM MTX F . -17.63 -9.16 7.48
C11 MTX F . -16.75 -13.34 10.45
C12 MTX F . -18.06 -13.46 9.91
C13 MTX F . -18.50 -12.54 8.95
C14 MTX F . -17.65 -11.48 8.51
C15 MTX F . -16.36 -11.36 9.09
C16 MTX F . -15.94 -12.27 10.08
C MTX F . -16.26 -14.33 11.45
O MTX F . -15.51 -14.00 12.39
N MTX F . -16.90 -15.52 11.48
CA MTX F . -16.92 -16.60 12.49
CT MTX F . -16.91 -17.99 11.85
O1 MTX F . -17.45 -18.16 10.73
O2 MTX F . -16.36 -18.92 12.48
CB MTX F . -18.15 -16.44 13.38
CG MTX F . -18.04 -15.32 14.45
CD MTX F . -19.03 -15.46 15.60
OE1 MTX F . -20.24 -15.25 15.38
OE2 MTX F . -18.59 -15.76 16.73
PA NDP G . 15.09 -19.67 -9.77
O1A NDP G . 16.41 -19.71 -10.31
O2A NDP G . 13.88 -19.50 -10.63
O5B NDP G . 14.98 -21.04 -8.91
C5B NDP G . 13.82 -21.43 -8.20
C4B NDP G . 14.31 -22.77 -7.66
O4B NDP G . 13.17 -23.48 -7.16
C3B NDP G . 15.03 -23.68 -8.64
O3B NDP G . 16.19 -24.29 -8.06
C2B NDP G . 14.02 -24.70 -9.05
O2B NDP G . 14.33 -26.04 -9.50
C1B NDP G . 13.02 -24.65 -7.94
N9A NDP G . 11.64 -24.85 -8.45
C8A NDP G . 10.96 -24.20 -9.51
N7A NDP G . 9.74 -24.69 -9.65
C5A NDP G . 9.61 -25.68 -8.71
C6A NDP G . 8.58 -26.58 -8.37
N6A NDP G . 7.42 -26.56 -9.03
N1A NDP G . 8.77 -27.46 -7.35
C2A NDP G . 9.95 -27.47 -6.68
N3A NDP G . 10.98 -26.66 -6.94
C4A NDP G . 10.75 -25.78 -7.97
O3 NDP G . 14.96 -18.51 -8.71
PN NDP G . 15.85 -17.25 -8.28
O1N NDP G . 16.02 -16.46 -9.49
O2N NDP G . 17.06 -17.82 -7.60
O5D NDP G . 14.88 -16.57 -7.20
C5D NDP G . 14.75 -17.00 -5.83
C4D NDP G . 13.44 -16.36 -5.27
O4D NDP G . 13.51 -14.95 -5.43
C3D NDP G . 12.18 -16.79 -6.03
O3D NDP G . 11.14 -17.04 -5.10
C2D NDP G . 11.88 -15.66 -6.99
O2D NDP G . 10.48 -15.61 -7.26
C1D NDP G . 12.39 -14.44 -6.17
N1N NDP G . 12.81 -13.31 -7.05
C2N NDP G . 14.00 -13.48 -7.81
C3N NDP G . 14.39 -12.36 -8.65
C7N NDP G . 15.61 -12.45 -9.47
O7N NDP G . 16.01 -11.52 -10.21
N7N NDP G . 16.36 -13.58 -9.47
C4N NDP G . 13.59 -11.21 -8.66
C5N NDP G . 12.45 -11.07 -7.91
C6N NDP G . 12.06 -12.13 -7.11
P2B NDP G . 15.53 -26.98 -9.21
O1X NDP G . 15.17 -28.14 -10.02
O2X NDP G . 15.58 -27.30 -7.76
O3X NDP G . 16.83 -26.34 -9.71
N1 MTX H . 12.95 -16.78 -11.02
C2 MTX H . 11.76 -16.73 -10.33
NA2 MTX H . 11.30 -17.82 -9.72
N3 MTX H . 11.10 -15.52 -10.18
C4 MTX H . 11.59 -14.34 -10.69
NA4 MTX H . 10.93 -13.19 -10.53
C4A MTX H . 12.81 -14.36 -11.41
N5 MTX H . 13.32 -13.21 -11.93
C6 MTX H . 14.44 -13.21 -12.74
C7 MTX H . 15.26 -14.46 -12.84
N8 MTX H . 14.67 -15.71 -12.25
C8A MTX H . 13.49 -15.65 -11.56
C9 MTX H . 14.93 -11.92 -13.40
N10 MTX H . 13.89 -10.90 -13.70
CM MTX H . 13.98 -9.70 -12.89
C11 MTX H . 12.01 -10.98 -17.53
C12 MTX H . 13.02 -11.92 -17.24
C13 MTX H . 13.66 -11.89 -15.99
C14 MTX H . 13.29 -10.92 -15.01
C15 MTX H . 12.29 -9.97 -15.33
C16 MTX H . 11.67 -10.00 -16.59
C MTX H . 11.30 -11.00 -18.85
O MTX H . 10.79 -10.00 -19.37
N MTX H . 11.45 -12.13 -19.57
CA MTX H . 11.06 -12.46 -20.95
CT MTX H . 10.42 -13.85 -21.05
O1 MTX H . 10.49 -14.64 -20.08
O2 MTX H . 9.83 -14.14 -22.12
CB MTX H . 12.31 -12.39 -21.84
CG MTX H . 12.79 -10.97 -22.14
CD MTX H . 13.82 -10.89 -23.25
OE1 MTX H . 14.93 -11.44 -23.10
OE2 MTX H . 13.51 -10.25 -24.29
PA NDP I . -3.33 23.64 -11.55
O1A NDP I . -3.58 24.05 -12.89
O2A NDP I . -1.95 23.47 -11.03
O5B NDP I . -4.16 24.70 -10.68
C5B NDP I . -4.20 24.70 -9.28
C4B NDP I . -5.08 25.92 -9.06
O4B NDP I . -5.01 26.22 -7.66
C3B NDP I . -4.73 27.19 -9.84
O3B NDP I . -5.87 27.86 -10.39
C2B NDP I . -4.05 28.08 -8.86
O2B NDP I . -4.00 29.53 -8.90
C1B NDP I . -4.45 27.52 -7.54
N9A NDP I . -3.31 27.64 -6.60
C8A NDP I . -1.98 27.16 -6.70
N7A NDP I . -1.28 27.52 -5.66
C5A NDP I . -2.11 28.25 -4.85
C6A NDP I . -1.96 28.91 -3.61
N6A NDP I . -0.79 28.92 -2.99
N1A NDP I . -3.02 29.56 -3.07
C2A NDP I . -4.21 29.56 -3.71
N3A NDP I . -4.45 28.97 -4.88
C4A NDP I . -3.35 28.32 -5.41
O3 NDP I . -4.03 22.25 -11.28
PN NDP I . -4.73 21.15 -12.20
O1N NDP I . -3.69 20.78 -13.16
O2N NDP I . -6.04 21.71 -12.67
O5D NDP I . -5.02 19.96 -11.15
C5D NDP I . -6.15 19.92 -10.22
C4D NDP I . -5.75 18.94 -9.07
O4D NDP I . -5.49 17.63 -9.59
C3D NDP I . -4.48 19.37 -8.32
O3D NDP I . -4.66 19.28 -6.91
C2D NDP I . -3.40 18.50 -8.85
O2D NDP I . -2.40 18.32 -7.84
C1D NDP I . -4.19 17.18 -9.19
N1N NDP I . -3.54 16.43 -10.29
C2N NDP I . -3.57 16.99 -11.57
C3N NDP I . -2.94 16.25 -12.62
C7N NDP I . -2.94 16.76 -13.99
O7N NDP I . -2.42 16.16 -14.95
N7N NDP I . -3.52 17.94 -14.25
C4N NDP I . -2.33 15.03 -12.32
C5N NDP I . -2.31 14.50 -11.06
C6N NDP I . -2.91 15.20 -10.04
P2B NDP I . -4.93 30.61 -9.53
O1X NDP I . -4.19 31.82 -9.19
O2X NDP I . -6.26 30.65 -8.89
O3X NDP I . -5.01 30.37 -11.03
N1 MTX J . -0.82 20.80 -11.56
C2 MTX J . -0.86 20.36 -10.27
NA2 MTX J . -1.05 21.23 -9.28
N3 MTX J . -0.44 19.08 -9.97
C4 MTX J . -0.04 18.19 -10.94
NA4 MTX J . 0.35 16.96 -10.64
C4A MTX J . 0.01 18.62 -12.28
N5 MTX J . 0.41 17.80 -13.26
C6 MTX J . 0.22 18.10 -14.59
C7 MTX J . 0.04 19.55 -14.95
N8 MTX J . -0.41 20.46 -13.85
C8A MTX J . -0.43 19.99 -12.56
C9 MTX J . 0.61 17.10 -15.67
N10 MTX J . 1.61 16.10 -15.25
CM MTX J . 1.11 14.75 -15.21
C11 MTX J . 5.77 17.03 -15.69
C12 MTX J . 4.81 18.01 -16.02
C13 MTX J . 3.44 17.72 -15.90
C14 MTX J . 3.01 16.41 -15.47
C15 MTX J . 3.99 15.44 -15.20
C16 MTX J . 5.35 15.74 -15.36
C MTX J . 7.22 17.33 -15.76
O MTX J . 8.11 16.47 -15.63
N MTX J . 7.55 18.62 -16.01
CA MTX J . 8.86 19.23 -16.28
CT MTX J . 9.13 20.47 -15.42
O1 MTX J . 8.16 21.11 -14.93
O2 MTX J . 10.33 20.80 -15.24
CB MTX J . 8.93 19.59 -17.76
CG MTX J . 9.10 18.40 -18.73
CD MTX J . 9.53 18.81 -20.12
OE1 MTX J . 8.72 19.43 -20.84
OE2 MTX J . 10.68 18.51 -20.49
PA NDP K . 10.25 11.22 21.70
O1A NDP K . 10.55 10.73 23.01
O2A NDP K . 8.93 11.84 21.37
O5B NDP K . 11.45 12.24 21.38
C5B NDP K . 11.56 12.98 20.18
C4B NDP K . 12.83 13.76 20.52
O4B NDP K . 13.00 14.77 19.51
C3B NDP K . 12.88 14.43 21.88
O3B NDP K . 14.09 14.12 22.58
C2B NDP K . 12.78 15.90 21.62
O2B NDP K . 13.39 16.97 22.40
C1B NDP K . 13.01 16.02 20.16
N9A NDP K . 12.10 17.02 19.59
C8A NDP K . 10.69 17.06 19.61
N7A NDP K . 10.24 18.13 18.99
C5A NDP K . 11.35 18.82 18.56
C6A NDP K . 11.55 20.02 17.86
N6A NDP K . 10.51 20.75 17.48
N1A NDP K . 12.81 20.43 17.58
C2A NDP K . 13.86 19.69 17.98
N3A NDP K . 13.79 18.54 18.65
C4A NDP K . 12.48 18.15 18.91
O3 NDP K . 10.40 10.06 20.66
PN NDP K . 10.61 8.49 20.75
O1N NDP K . 9.46 7.99 21.53
O2N NDP K . 12.00 8.26 21.25
O5D NDP K . 10.53 8.08 19.21
C5D NDP K . 11.66 8.13 18.31
C4D NDP K . 11.09 8.08 16.86
O4D NDP K . 10.30 6.89 16.71
C3D NDP K . 10.14 9.25 16.51
O3D NDP K . 10.39 9.75 15.19
C2D NDP K . 8.75 8.67 16.70
O2D NDP K . 7.81 9.37 15.90
C1D NDP K . 8.99 7.20 16.25
N1N NDP K . 7.99 6.26 16.84
C2N NDP K . 8.05 6.07 18.23
C3N NDP K . 7.09 5.15 18.79
C7N NDP K . 7.09 4.89 20.23
O7N NDP K . 6.30 4.10 20.79
N7N NDP K . 7.97 5.52 21.04
C4N NDP K . 6.17 4.51 17.94
C5N NDP K . 6.13 4.72 16.58
C6N NDP K . 7.06 5.60 16.03
P2B NDP K . 14.60 16.99 23.36
O1X NDP K . 14.62 18.37 23.79
O2X NDP K . 15.82 16.63 22.64
O3X NDP K . 14.33 16.06 24.55
N1 MTX L . 6.88 10.14 20.51
C2 MTX L . 6.88 10.48 19.19
NA2 MTX L . 7.76 11.34 18.71
N3 MTX L . 6.14 9.73 18.29
C4 MTX L . 5.41 8.64 18.69
NA4 MTX L . 4.70 7.93 17.79
C4A MTX L . 5.40 8.26 20.04
N5 MTX L . 4.69 7.19 20.47
C6 MTX L . 4.70 6.77 21.79
C7 MTX L . 5.44 7.58 22.78
N8 MTX L . 6.22 8.76 22.28
C8A MTX L . 6.19 9.08 20.96
C9 MTX L . 3.85 5.59 22.25
N10 MTX L . 2.64 5.35 21.45
CM MTX L . 2.64 4.12 20.69
C11 MTX L . -0.96 7.33 22.62
C12 MTX L . 0.25 7.62 23.30
C13 MTX L . 1.42 6.96 22.92
C14 MTX L . 1.43 5.99 21.88
C15 MTX L . 0.20 5.69 21.23
C16 MTX L . -0.98 6.33 21.62
C MTX L . -2.20 8.04 22.98
O MTX L . -3.32 7.68 22.61
N MTX L . -2.07 9.06 23.83
CA MTX L . -3.06 9.84 24.59
CT MTX L . -2.77 11.33 24.52
O1 MTX L . -1.59 11.70 24.31
O2 MTX L . -3.72 12.13 24.68
CB MTX L . -3.08 9.36 26.04
CG MTX L . -3.75 8.00 26.26
CD MTX L . -4.00 7.67 27.73
OE1 MTX L . -3.04 7.33 28.45
OE2 MTX L . -5.18 7.76 28.16
#